data_4FP3
#
_entry.id   4FP3
#
_cell.length_a   76.602
_cell.length_b   82.674
_cell.length_c   116.914
_cell.angle_alpha   90.000
_cell.angle_beta   90.000
_cell.angle_gamma   90.000
#
_symmetry.space_group_name_H-M   'P 21 21 21'
#
loop_
_entity.id
_entity.type
_entity.pdbx_description
1 polymer 'Sialidase B'
2 non-polymer '2-[(furan-2-ylmethyl)amino]ethanesulfonic acid'
3 water water
#
_entity_poly.entity_id   1
_entity_poly.type   'polypeptide(L)'
_entity_poly.pdbx_seq_one_letter_code
;MNKRGLYSKLGISVVGISLLMGVPTLIHANELNYGQLSISPIFQGGSYQLNNKSIDISSLLLDKLSGESQTVVMKFKADK
PNSLQALFGLSNSKAGFKNNYFSIFMRDSGEIGVEIRDAQKGINYLFSRPASLWGKHKGQAVENTLVFVSDSKDKTYTMY
VNGIEVFSETVDTFLPISNINGIDKATLGAVNREGKEHYLAKGSIDEISLFNKAISDQEVSTIPLSNPFQLIFQSGDSTQ
ANYFRIPTLYTLSSGRVLSSIDARYGGTHDSKSKINIATSYSDDNGKTWSEPIFAMKFNDYEEQLVYWPRDNKLKNSQIS
GSASFIDSSIVEDKKSGKTILLADVMPAGIGNNNANKADSGFKEINGHYYLKLKKNGDNDFRYTVRENGVVYNETTNKPT
NYTINDKYEVLEGGKSLTVEQYSVDFDSGSLRERHNGKQVPMNVFYKDSLFKVTPTNYIAMTTSQNRGESWEQFKLLPPF
LGEKHNGTYLCPGQGLALKSSNRLIFATYTSGELTYLISDDSGQTWKKSSASIPFKNATAEAQMVELRDGVIRTFFRTTT
GKIAYMTSRDSGETWSKVSYIDGIQQTSYGTQVSAIKYSQLIDGKEAVILSTPNSRSGRKGGQLVVGLVNKEDDSIDWKY
HYDIDLPSYGYAYSAITELPNHHIGVLFEKYDSWSRNELHLSNVVQYIDLEINDLTK
;
_entity_poly.pdbx_strand_id   A
#
loop_
_chem_comp.id
_chem_comp.type
_chem_comp.name
_chem_comp.formula
IJ2 non-polymer '2-[(furan-2-ylmethyl)amino]ethanesulfonic acid' 'C7 H11 N O4 S'
#
# COMPACT_ATOMS: atom_id res chain seq x y z
N ILE A 39 -6.14 30.48 19.01
CA ILE A 39 -5.58 31.74 19.52
C ILE A 39 -4.58 32.41 18.58
N SER A 40 -3.65 33.18 19.13
CA SER A 40 -2.77 34.02 18.31
C SER A 40 -1.29 33.58 18.34
N PRO A 41 -0.60 33.65 17.19
CA PRO A 41 0.81 33.27 17.13
C PRO A 41 1.68 34.25 17.91
N ILE A 42 2.38 33.75 18.92
CA ILE A 42 3.35 34.54 19.65
C ILE A 42 4.48 35.01 18.72
N PHE A 43 4.68 34.26 17.65
CA PHE A 43 5.68 34.61 16.65
C PHE A 43 5.26 34.12 15.28
N GLN A 44 5.63 34.89 14.26
CA GLN A 44 5.28 34.56 12.90
C GLN A 44 6.24 35.24 11.93
N GLY A 45 6.85 34.44 11.08
CA GLY A 45 7.79 34.95 10.10
C GLY A 45 7.57 34.19 8.81
N GLY A 46 8.18 34.66 7.74
CA GLY A 46 7.93 34.07 6.45
C GLY A 46 8.86 34.47 5.36
N SER A 47 8.93 33.63 4.33
CA SER A 47 9.86 33.76 3.21
C SER A 47 11.31 33.70 3.65
N TYR A 48 11.70 32.57 4.24
CA TYR A 48 13.08 32.35 4.62
C TYR A 48 13.74 31.44 3.60
N GLN A 49 14.91 31.82 3.13
CA GLN A 49 15.64 31.01 2.17
C GLN A 49 16.72 30.24 2.91
N LEU A 50 16.76 28.92 2.74
CA LEU A 50 17.77 28.11 3.40
C LEU A 50 18.83 27.65 2.41
N ASN A 51 19.89 28.43 2.22
CA ASN A 51 20.92 28.10 1.26
C ASN A 51 22.22 27.64 1.89
N ASN A 52 22.13 26.59 2.69
CA ASN A 52 23.24 26.09 3.47
C ASN A 52 23.88 27.16 4.35
N LYS A 53 23.07 28.16 4.70
CA LYS A 53 23.43 29.13 5.70
C LYS A 53 22.21 29.31 6.60
N SER A 54 22.43 29.25 7.92
CA SER A 54 21.33 29.34 8.87
C SER A 54 20.91 30.78 9.21
N ILE A 55 19.64 30.93 9.60
CA ILE A 55 19.06 32.22 9.93
C ILE A 55 18.76 32.34 11.42
N ASP A 56 19.20 33.43 12.05
CA ASP A 56 19.00 33.63 13.47
C ASP A 56 17.78 34.50 13.81
N ILE A 57 16.86 33.91 14.54
CA ILE A 57 15.59 34.54 14.85
C ILE A 57 15.39 34.59 16.36
N SER A 58 16.48 34.38 17.09
CA SER A 58 16.48 34.53 18.54
C SER A 58 15.85 35.83 19.03
N SER A 59 16.34 36.96 18.53
CA SER A 59 15.90 38.29 18.95
C SER A 59 14.38 38.46 18.88
N LEU A 60 13.75 37.66 18.04
CA LEU A 60 12.31 37.71 17.83
C LEU A 60 11.54 36.70 18.68
N LEU A 61 12.06 35.48 18.78
CA LEU A 61 11.29 34.38 19.36
C LEU A 61 11.56 34.07 20.83
N LEU A 62 12.84 34.11 21.21
CA LEU A 62 13.21 33.60 22.53
C LEU A 62 12.44 34.19 23.73
N ASP A 63 12.18 35.50 23.72
CA ASP A 63 11.40 36.10 24.82
C ASP A 63 9.89 35.82 24.75
N LYS A 64 9.38 35.52 23.56
CA LYS A 64 7.97 35.16 23.41
C LYS A 64 7.65 33.82 24.09
N LEU A 65 8.62 32.91 24.13
CA LEU A 65 8.36 31.54 24.57
C LEU A 65 8.04 31.47 26.04
N SER A 66 6.90 30.89 26.38
CA SER A 66 6.53 30.70 27.78
C SER A 66 5.49 29.61 27.98
N GLY A 67 5.48 29.03 29.17
CA GLY A 67 4.62 27.90 29.47
C GLY A 67 5.28 26.62 28.99
N GLU A 68 4.63 25.49 29.24
CA GLU A 68 5.22 24.20 28.96
C GLU A 68 4.68 23.53 27.68
N SER A 69 3.70 24.16 27.04
CA SER A 69 3.10 23.62 25.83
C SER A 69 3.38 24.52 24.63
N GLN A 70 3.84 23.95 23.52
CA GLN A 70 4.05 24.75 22.32
C GLN A 70 3.59 24.09 21.02
N THR A 71 3.32 24.91 20.01
CA THR A 71 2.90 24.40 18.73
C THR A 71 3.65 25.15 17.66
N VAL A 72 4.44 24.42 16.88
CA VAL A 72 5.12 24.98 15.73
C VAL A 72 4.27 24.69 14.51
N VAL A 73 4.13 25.66 13.62
CA VAL A 73 3.48 25.41 12.36
C VAL A 73 4.35 25.96 11.27
N MET A 74 4.71 25.08 10.34
CA MET A 74 5.75 25.41 9.38
C MET A 74 5.41 24.97 7.97
N LYS A 75 5.23 25.95 7.09
CA LYS A 75 5.09 25.68 5.67
C LYS A 75 6.44 25.84 4.97
N PHE A 76 6.96 24.72 4.48
CA PHE A 76 8.29 24.72 3.89
C PHE A 76 8.42 23.91 2.60
N LYS A 77 9.48 24.21 1.84
CA LYS A 77 9.80 23.51 0.59
C LYS A 77 11.21 22.98 0.64
N ALA A 78 11.38 21.76 0.18
CA ALA A 78 12.72 21.18 0.07
C ALA A 78 12.77 20.12 -1.02
N ASP A 79 13.28 20.52 -2.19
CA ASP A 79 13.36 19.62 -3.32
C ASP A 79 14.80 19.25 -3.65
N LYS A 80 15.75 19.87 -2.96
CA LYS A 80 17.14 19.47 -3.14
C LYS A 80 17.89 19.38 -1.81
N PRO A 81 17.33 18.64 -0.83
CA PRO A 81 17.91 18.70 0.52
C PRO A 81 19.18 17.89 0.64
N ASN A 82 19.93 18.11 1.70
CA ASN A 82 21.10 17.29 1.95
C ASN A 82 20.66 16.01 2.68
N SER A 83 21.60 15.13 3.01
CA SER A 83 21.17 13.83 3.52
C SER A 83 20.47 14.00 4.85
N LEU A 84 20.89 15.00 5.62
CA LEU A 84 20.32 15.26 6.93
C LEU A 84 20.40 16.76 7.23
N GLN A 85 19.25 17.40 7.33
CA GLN A 85 19.26 18.84 7.58
C GLN A 85 18.21 19.25 8.62
N ALA A 86 18.56 20.24 9.45
CA ALA A 86 17.62 20.79 10.41
C ALA A 86 16.86 21.96 9.81
N LEU A 87 15.55 21.97 10.01
CA LEU A 87 14.72 23.05 9.51
C LEU A 87 14.60 24.10 10.58
N PHE A 88 14.48 23.64 11.82
CA PHE A 88 14.24 24.51 12.94
C PHE A 88 15.08 24.03 14.09
N GLY A 89 15.54 24.95 14.92
CA GLY A 89 16.34 24.60 16.07
C GLY A 89 16.21 25.54 17.24
N LEU A 90 16.09 24.96 18.44
CA LEU A 90 16.27 25.71 19.68
C LEU A 90 17.44 25.10 20.40
N SER A 91 18.49 25.87 20.65
CA SER A 91 19.68 25.28 21.23
C SER A 91 20.32 26.11 22.34
N ASN A 92 21.22 25.47 23.05
CA ASN A 92 22.15 26.13 23.94
C ASN A 92 23.46 26.14 23.16
N SER A 93 23.80 27.28 22.57
CA SER A 93 24.99 27.35 21.71
C SER A 93 26.30 27.50 22.50
N LYS A 94 26.19 27.52 23.83
CA LYS A 94 27.35 27.67 24.67
C LYS A 94 28.21 26.42 24.72
N ALA A 95 29.52 26.62 24.77
CA ALA A 95 30.48 25.52 24.91
C ALA A 95 30.18 24.68 26.14
N GLY A 96 30.12 23.37 25.95
CA GLY A 96 29.82 22.47 27.06
C GLY A 96 28.39 21.98 27.06
N PHE A 97 27.66 22.28 25.99
CA PHE A 97 26.24 22.00 25.95
C PHE A 97 25.78 21.63 24.56
N LYS A 98 26.62 20.90 23.84
CA LYS A 98 26.32 20.52 22.48
C LYS A 98 25.08 19.63 22.40
N ASN A 99 24.72 18.96 23.50
CA ASN A 99 23.53 18.11 23.49
C ASN A 99 22.30 18.72 24.16
N ASN A 100 22.28 20.04 24.27
CA ASN A 100 21.13 20.74 24.82
C ASN A 100 20.42 21.51 23.73
N TYR A 101 19.44 20.87 23.08
CA TYR A 101 18.73 21.46 21.96
C TYR A 101 17.43 20.77 21.58
N PHE A 102 16.61 21.50 20.83
CA PHE A 102 15.45 20.97 20.14
C PHE A 102 15.60 21.23 18.64
N SER A 103 15.34 20.21 17.82
CA SER A 103 15.42 20.41 16.38
C SER A 103 14.23 19.78 15.69
N ILE A 104 13.90 20.32 14.53
CA ILE A 104 13.00 19.64 13.63
C ILE A 104 13.81 19.39 12.40
N PHE A 105 13.98 18.12 12.05
CA PHE A 105 14.86 17.76 10.95
C PHE A 105 14.18 16.87 9.92
N MET A 106 14.86 16.73 8.79
CA MET A 106 14.44 15.81 7.76
C MET A 106 15.66 15.10 7.18
N ARG A 107 15.44 13.93 6.59
CA ARG A 107 16.47 13.23 5.82
C ARG A 107 16.10 13.29 4.34
N ASP A 108 17.06 13.08 3.44
CA ASP A 108 16.68 13.10 2.03
C ASP A 108 15.90 11.85 1.58
N SER A 109 15.54 11.00 2.54
CA SER A 109 14.66 9.87 2.28
C SER A 109 13.18 10.25 2.35
N GLY A 110 12.89 11.44 2.87
CA GLY A 110 11.53 11.90 3.04
C GLY A 110 11.06 11.80 4.49
N GLU A 111 11.94 11.29 5.34
CA GLU A 111 11.68 11.16 6.76
C GLU A 111 11.66 12.52 7.48
N ILE A 112 10.83 12.65 8.50
CA ILE A 112 10.77 13.86 9.32
C ILE A 112 10.92 13.49 10.80
N GLY A 113 11.59 14.35 11.56
CA GLY A 113 11.71 14.09 12.97
C GLY A 113 11.97 15.30 13.85
N VAL A 114 11.85 15.08 15.16
CA VAL A 114 12.23 16.09 16.12
C VAL A 114 13.26 15.50 17.05
N GLU A 115 14.03 16.39 17.68
CA GLU A 115 14.91 15.98 18.76
C GLU A 115 14.65 16.86 19.97
N ILE A 116 14.62 16.26 21.15
CA ILE A 116 14.50 17.00 22.40
C ILE A 116 15.53 16.52 23.43
N ARG A 117 16.62 17.28 23.55
CA ARG A 117 17.81 16.86 24.32
C ARG A 117 18.25 17.83 25.44
N ASP A 118 18.43 17.30 26.64
CA ASP A 118 18.92 18.06 27.79
C ASP A 118 19.90 17.24 28.66
N ALA A 119 21.18 17.56 28.55
CA ALA A 119 22.22 16.80 29.26
C ALA A 119 22.05 16.82 30.77
N GLN A 120 21.63 17.96 31.30
CA GLN A 120 21.47 18.08 32.74
C GLN A 120 20.27 17.29 33.23
N LYS A 121 19.19 17.28 32.44
CA LYS A 121 17.99 16.57 32.84
C LYS A 121 18.11 15.09 32.59
N GLY A 122 19.14 14.70 31.85
CA GLY A 122 19.30 13.32 31.42
C GLY A 122 18.30 12.86 30.36
N ILE A 123 17.83 13.80 29.54
CA ILE A 123 16.80 13.47 28.58
C ILE A 123 17.30 13.60 27.15
N ASN A 124 17.15 12.52 26.40
CA ASN A 124 17.45 12.55 24.98
C ASN A 124 16.34 11.87 24.20
N TYR A 125 15.52 12.68 23.56
CA TYR A 125 14.38 12.15 22.82
C TYR A 125 14.60 12.32 21.32
N LEU A 126 14.29 11.27 20.57
CA LEU A 126 14.28 11.36 19.13
C LEU A 126 13.04 10.66 18.61
N PHE A 127 12.12 11.43 18.03
CA PHE A 127 10.95 10.84 17.38
C PHE A 127 10.94 11.20 15.91
N SER A 128 10.57 10.24 15.07
CA SER A 128 10.59 10.46 13.64
C SER A 128 9.67 9.50 12.88
N ARG A 129 9.47 9.76 11.59
CA ARG A 129 8.89 8.75 10.70
C ARG A 129 9.41 8.84 9.28
N PRO A 130 9.79 7.68 8.71
CA PRO A 130 10.18 7.64 7.30
C PRO A 130 9.03 8.08 6.40
N ALA A 131 9.36 8.40 5.14
CA ALA A 131 8.38 8.64 4.11
C ALA A 131 7.26 9.58 4.54
N SER A 132 7.64 10.73 5.06
CA SER A 132 6.63 11.68 5.54
C SER A 132 6.49 12.95 4.70
N LEU A 133 7.32 13.08 3.66
CA LEU A 133 7.39 14.33 2.92
C LEU A 133 7.15 14.23 1.40
N TRP A 134 6.85 15.38 0.81
CA TRP A 134 6.88 15.54 -0.64
C TRP A 134 8.04 16.46 -0.99
N GLY A 135 8.56 16.32 -2.19
CA GLY A 135 9.64 17.16 -2.67
C GLY A 135 9.16 17.98 -3.85
N LYS A 136 8.95 17.31 -4.99
CA LYS A 136 8.45 17.95 -6.22
C LYS A 136 7.15 17.32 -6.73
N HIS A 137 6.32 18.13 -7.38
CA HIS A 137 5.12 17.63 -8.08
C HIS A 137 4.89 18.47 -9.32
N LYS A 138 4.80 17.80 -10.47
CA LYS A 138 4.63 18.47 -11.77
C LYS A 138 5.72 19.52 -12.05
N GLY A 139 6.94 19.27 -11.55
CA GLY A 139 8.04 20.19 -11.80
C GLY A 139 8.33 21.19 -10.71
N GLN A 140 7.27 21.82 -10.20
CA GLN A 140 7.42 22.75 -9.09
C GLN A 140 7.66 22.04 -7.75
N ALA A 141 8.33 22.74 -6.84
CA ALA A 141 8.57 22.22 -5.49
C ALA A 141 7.28 22.26 -4.66
N VAL A 142 7.09 21.25 -3.82
CA VAL A 142 5.87 21.13 -3.03
C VAL A 142 6.01 21.87 -1.70
N GLU A 143 4.95 22.58 -1.31
CA GLU A 143 4.96 23.20 -0.01
C GLU A 143 4.35 22.24 1.00
N ASN A 144 5.20 21.74 1.89
CA ASN A 144 4.79 20.86 2.97
C ASN A 144 4.27 21.65 4.17
N THR A 145 3.26 21.10 4.81
CA THR A 145 2.62 21.76 5.93
C THR A 145 2.90 20.94 7.18
N LEU A 146 3.86 21.40 7.96
CA LEU A 146 4.32 20.72 9.15
C LEU A 146 3.69 21.31 10.39
N VAL A 147 3.12 20.45 11.23
CA VAL A 147 2.55 20.89 12.51
C VAL A 147 3.04 20.00 13.61
N PHE A 148 3.91 20.56 14.44
CA PHE A 148 4.40 19.85 15.61
C PHE A 148 3.75 20.37 16.87
N VAL A 149 3.19 19.46 17.66
CA VAL A 149 2.60 19.81 18.94
C VAL A 149 3.37 19.25 20.15
N SER A 150 3.66 20.13 21.10
CA SER A 150 4.34 19.79 22.33
C SER A 150 3.43 20.10 23.51
N ASP A 151 2.92 19.06 24.15
CA ASP A 151 1.80 19.20 25.05
C ASP A 151 2.06 18.60 26.43
N SER A 152 2.26 19.46 27.42
CA SER A 152 2.68 19.03 28.76
C SER A 152 1.57 18.41 29.62
N LYS A 153 0.34 18.37 29.11
CA LYS A 153 -0.77 17.81 29.89
C LYS A 153 -0.91 16.33 29.64
N ASP A 154 -0.80 15.93 28.38
CA ASP A 154 -0.84 14.52 28.04
C ASP A 154 0.59 14.02 27.96
N LYS A 155 1.52 14.95 28.10
CA LYS A 155 2.95 14.66 28.00
C LYS A 155 3.25 14.03 26.64
N THR A 156 2.87 14.73 25.57
CA THR A 156 2.86 14.08 24.27
C THR A 156 3.39 14.90 23.09
N TYR A 157 4.21 14.26 22.27
CA TYR A 157 4.76 14.91 21.07
C TYR A 157 4.08 14.37 19.82
N THR A 158 3.38 15.25 19.10
CA THR A 158 2.66 14.82 17.90
C THR A 158 3.05 15.64 16.68
N MET A 159 3.26 14.95 15.56
CA MET A 159 3.65 15.59 14.32
C MET A 159 2.64 15.31 13.21
N TYR A 160 2.23 16.36 12.52
CA TYR A 160 1.43 16.20 11.31
C TYR A 160 2.20 16.80 10.16
N VAL A 161 2.19 16.11 9.02
CA VAL A 161 2.74 16.70 7.81
C VAL A 161 1.73 16.58 6.68
N ASN A 162 1.44 17.70 6.02
CA ASN A 162 0.42 17.77 4.98
C ASN A 162 -0.94 17.17 5.40
N GLY A 163 -1.31 17.39 6.66
CA GLY A 163 -2.56 16.92 7.20
C GLY A 163 -2.54 15.52 7.77
N ILE A 164 -1.44 14.81 7.60
CA ILE A 164 -1.37 13.47 8.15
C ILE A 164 -0.53 13.38 9.42
N GLU A 165 -1.14 12.83 10.47
CA GLU A 165 -0.43 12.53 11.70
C GLU A 165 0.64 11.48 11.47
N VAL A 166 1.91 11.87 11.53
CA VAL A 166 2.97 10.92 11.24
C VAL A 166 3.59 10.28 12.48
N PHE A 167 3.41 10.89 13.65
CA PHE A 167 3.71 10.23 14.92
C PHE A 167 3.10 10.93 16.11
N SER A 168 2.87 10.18 17.17
CA SER A 168 2.35 10.73 18.41
C SER A 168 2.89 9.89 19.56
N GLU A 169 3.83 10.48 20.30
CA GLU A 169 4.58 9.77 21.33
C GLU A 169 4.37 10.33 22.74
N THR A 170 4.07 9.43 23.68
CA THR A 170 3.91 9.83 25.07
C THR A 170 5.15 9.42 25.88
N VAL A 171 5.61 10.34 26.73
CA VAL A 171 6.72 10.05 27.61
C VAL A 171 6.23 10.08 29.06
N ASP A 172 7.04 9.55 29.97
CA ASP A 172 6.68 9.54 31.38
CA ASP A 172 6.67 9.55 31.39
C ASP A 172 7.25 10.83 31.99
N THR A 173 8.41 11.22 31.46
CA THR A 173 9.09 12.43 31.89
C THR A 173 9.09 13.45 30.76
N PHE A 174 8.19 14.42 30.84
CA PHE A 174 8.01 15.40 29.76
C PHE A 174 9.07 16.48 29.81
N LEU A 175 9.62 16.81 28.65
CA LEU A 175 10.55 17.93 28.52
C LEU A 175 9.95 19.00 27.60
N PRO A 176 9.43 20.10 28.19
CA PRO A 176 8.96 21.19 27.33
C PRO A 176 10.12 21.66 26.46
N ILE A 177 9.85 21.92 25.18
CA ILE A 177 10.90 22.33 24.25
C ILE A 177 11.60 23.61 24.67
N SER A 178 11.00 24.33 25.61
CA SER A 178 11.50 25.64 26.07
C SER A 178 12.10 25.59 27.47
N ASN A 179 12.00 24.44 28.13
CA ASN A 179 12.65 24.28 29.42
C ASN A 179 13.98 23.54 29.26
N ILE A 180 14.50 23.53 28.03
CA ILE A 180 15.82 22.96 27.81
C ILE A 180 16.84 23.91 28.42
N ASN A 181 17.76 23.31 29.17
CA ASN A 181 18.72 24.06 29.96
C ASN A 181 19.59 25.00 29.15
N GLY A 182 19.41 26.30 29.37
CA GLY A 182 20.33 27.32 28.89
C GLY A 182 20.22 27.65 27.42
N ILE A 183 19.05 27.41 26.85
CA ILE A 183 18.86 27.73 25.44
C ILE A 183 19.21 29.18 25.22
N ASP A 184 19.98 29.47 24.17
CA ASP A 184 20.22 30.86 23.81
C ASP A 184 20.07 31.16 22.33
N LYS A 185 19.70 30.17 21.54
CA LYS A 185 19.52 30.38 20.10
C LYS A 185 18.22 29.80 19.54
N ALA A 186 17.69 30.46 18.52
CA ALA A 186 16.54 29.99 17.74
C ALA A 186 16.93 30.05 16.28
N THR A 187 16.93 28.91 15.61
CA THR A 187 17.57 28.80 14.32
C THR A 187 16.73 28.11 13.27
N LEU A 188 16.91 28.58 12.03
CA LEU A 188 16.29 28.01 10.85
C LEU A 188 17.41 27.55 9.91
N GLY A 189 17.32 26.33 9.43
CA GLY A 189 18.27 25.83 8.46
C GLY A 189 19.50 25.22 9.11
N ALA A 190 19.49 25.19 10.44
CA ALA A 190 20.57 24.57 11.20
C ALA A 190 20.18 24.44 12.65
N VAL A 191 21.04 23.75 13.41
CA VAL A 191 21.02 23.81 14.86
C VAL A 191 22.34 24.43 15.27
N ASN A 192 22.29 25.51 16.04
CA ASN A 192 23.50 26.20 16.49
C ASN A 192 24.14 25.53 17.70
N ARG A 193 25.09 24.63 17.46
CA ARG A 193 25.76 23.93 18.56
C ARG A 193 27.17 24.44 18.74
N GLU A 194 27.52 24.73 19.99
CA GLU A 194 28.83 25.27 20.37
C GLU A 194 29.30 26.38 19.43
N GLY A 195 28.35 27.13 18.89
CA GLY A 195 28.65 28.27 18.05
C GLY A 195 28.94 27.96 16.61
N LYS A 196 28.59 26.76 16.16
CA LYS A 196 28.74 26.40 14.75
C LYS A 196 27.41 25.95 14.14
N GLU A 197 27.28 26.09 12.83
CA GLU A 197 26.05 25.69 12.17
C GLU A 197 26.08 24.20 11.86
N HIS A 198 25.38 23.39 12.65
CA HIS A 198 25.29 21.95 12.40
C HIS A 198 24.05 21.64 11.58
N TYR A 199 24.10 20.55 10.81
CA TYR A 199 22.97 20.09 9.99
C TYR A 199 22.40 21.15 9.06
N LEU A 200 23.30 21.95 8.48
CA LEU A 200 22.95 22.94 7.46
C LEU A 200 21.92 22.46 6.45
N ALA A 201 20.93 23.31 6.17
CA ALA A 201 19.76 22.89 5.42
C ALA A 201 19.72 23.50 4.03
N LYS A 202 19.00 22.83 3.13
CA LYS A 202 18.77 23.35 1.79
C LYS A 202 17.29 23.30 1.37
N GLY A 203 16.65 24.47 1.38
CA GLY A 203 15.25 24.62 1.01
C GLY A 203 14.76 26.01 1.37
N SER A 204 13.48 26.12 1.69
CA SER A 204 12.88 27.38 2.11
C SER A 204 11.77 27.18 3.13
N ILE A 205 11.56 28.16 3.99
CA ILE A 205 10.39 28.15 4.86
C ILE A 205 9.53 29.34 4.49
N ASP A 206 8.48 29.08 3.73
CA ASP A 206 7.62 30.14 3.27
C ASP A 206 6.97 30.79 4.47
N GLU A 207 6.56 29.96 5.45
CA GLU A 207 5.85 30.51 6.59
C GLU A 207 6.03 29.70 7.86
N ILE A 208 6.30 30.39 8.96
CA ILE A 208 6.42 29.73 10.26
C ILE A 208 5.69 30.51 11.36
N SER A 209 4.88 29.79 12.14
CA SER A 209 4.12 30.35 13.26
C SER A 209 4.43 29.56 14.52
N LEU A 210 4.45 30.25 15.65
CA LEU A 210 4.69 29.62 16.93
C LEU A 210 3.57 29.98 17.90
N PHE A 211 3.24 29.04 18.79
CA PHE A 211 2.16 29.25 19.73
C PHE A 211 2.54 28.74 21.11
N ASN A 212 2.21 29.52 22.14
CA ASN A 212 2.43 29.08 23.52
C ASN A 212 1.30 28.24 24.05
N LYS A 213 0.66 27.53 23.14
CA LYS A 213 -0.40 26.60 23.46
C LYS A 213 -0.14 25.30 22.69
N ALA A 214 -0.68 24.20 23.19
CA ALA A 214 -0.76 22.98 22.41
C ALA A 214 -2.15 22.95 21.78
N ILE A 215 -2.21 23.16 20.46
CA ILE A 215 -3.51 23.21 19.78
C ILE A 215 -4.18 21.84 19.71
N SER A 216 -5.50 21.82 19.61
CA SER A 216 -6.23 20.56 19.52
C SER A 216 -6.34 20.06 18.09
N ASP A 217 -6.63 18.77 17.97
CA ASP A 217 -6.89 18.12 16.68
C ASP A 217 -7.80 18.97 15.81
N GLN A 218 -8.91 19.41 16.40
CA GLN A 218 -9.93 20.14 15.66
C GLN A 218 -9.33 21.38 15.02
N GLU A 219 -8.49 22.06 15.79
CA GLU A 219 -7.81 23.24 15.29
C GLU A 219 -6.84 22.87 14.18
N VAL A 220 -6.10 21.78 14.38
CA VAL A 220 -5.13 21.31 13.41
C VAL A 220 -5.76 21.13 12.04
N SER A 221 -6.91 20.48 12.03
CA SER A 221 -7.67 20.20 10.82
C SER A 221 -8.05 21.47 10.05
N THR A 222 -8.08 22.60 10.73
CA THR A 222 -8.45 23.86 10.08
C THR A 222 -7.25 24.59 9.45
N ILE A 223 -6.07 24.03 9.60
CA ILE A 223 -4.93 24.62 8.93
C ILE A 223 -5.02 24.30 7.44
N PRO A 224 -4.92 25.33 6.59
CA PRO A 224 -4.99 25.08 5.15
C PRO A 224 -3.79 24.25 4.67
N LEU A 225 -3.98 23.43 3.65
CA LEU A 225 -2.88 22.66 3.09
C LEU A 225 -2.68 23.02 1.62
N SER A 226 -1.53 22.63 1.09
CA SER A 226 -1.20 22.79 -0.32
C SER A 226 -0.88 21.43 -0.93
N ASN A 227 -1.70 20.42 -0.62
CA ASN A 227 -1.36 19.05 -0.96
C ASN A 227 -1.40 18.74 -2.46
N PRO A 228 -0.33 18.14 -2.99
CA PRO A 228 -0.32 17.72 -4.39
C PRO A 228 -1.10 16.40 -4.60
N PHE A 229 -1.60 15.80 -3.53
CA PHE A 229 -2.23 14.48 -3.56
C PHE A 229 -3.53 14.44 -2.80
N GLN A 230 -4.16 13.27 -2.83
CA GLN A 230 -5.32 13.02 -2.00
C GLN A 230 -5.31 11.57 -1.50
N LEU A 231 -6.11 11.31 -0.46
CA LEU A 231 -6.29 9.94 0.00
C LEU A 231 -7.60 9.36 -0.53
N ILE A 232 -7.54 8.14 -1.05
CA ILE A 232 -8.75 7.43 -1.41
C ILE A 232 -9.13 6.54 -0.24
N PHE A 233 -8.16 5.75 0.21
CA PHE A 233 -8.31 4.95 1.42
C PHE A 233 -7.39 5.61 2.45
N GLN A 234 -7.83 5.64 3.71
CA GLN A 234 -7.05 6.31 4.76
C GLN A 234 -7.42 5.83 6.16
N SER A 235 -6.44 5.88 7.07
CA SER A 235 -6.65 5.44 8.44
C SER A 235 -7.93 6.03 9.02
N GLY A 236 -8.72 5.20 9.68
CA GLY A 236 -9.93 5.66 10.33
C GLY A 236 -11.16 5.68 9.44
N ASP A 237 -11.00 5.39 8.16
CA ASP A 237 -12.15 5.29 7.26
C ASP A 237 -12.95 4.03 7.56
N SER A 238 -13.99 3.78 6.77
CA SER A 238 -14.91 2.68 7.04
C SER A 238 -14.29 1.29 7.14
N THR A 239 -13.12 1.08 6.52
CA THR A 239 -12.45 -0.23 6.59
C THR A 239 -11.92 -0.53 8.00
N GLN A 240 -11.69 0.52 8.77
CA GLN A 240 -11.04 0.41 10.06
C GLN A 240 -9.64 -0.20 9.98
N ALA A 241 -9.07 -0.34 8.79
CA ALA A 241 -7.69 -0.77 8.63
C ALA A 241 -6.77 0.43 8.75
N ASN A 242 -5.72 0.32 9.56
CA ASN A 242 -4.80 1.43 9.79
C ASN A 242 -3.77 1.54 8.68
N TYR A 243 -3.75 0.50 7.83
CA TYR A 243 -2.72 0.34 6.81
C TYR A 243 -3.26 -0.13 5.44
N PHE A 244 -2.62 0.34 4.38
CA PHE A 244 -3.03 -0.05 3.04
C PHE A 244 -1.83 -0.33 2.16
N ARG A 245 -2.00 -1.30 1.27
CA ARG A 245 -0.97 -1.68 0.32
C ARG A 245 -1.63 -2.28 -0.94
N ILE A 246 -0.88 -2.29 -2.03
CA ILE A 246 -1.30 -2.96 -3.25
C ILE A 246 -2.52 -2.33 -3.90
N PRO A 247 -2.36 -1.09 -4.39
CA PRO A 247 -3.48 -0.35 -4.97
C PRO A 247 -3.78 -0.79 -6.40
N THR A 248 -5.04 -0.63 -6.82
CA THR A 248 -5.45 -0.87 -8.21
C THR A 248 -6.37 0.25 -8.68
N LEU A 249 -6.45 0.41 -10.00
CA LEU A 249 -7.23 1.46 -10.63
C LEU A 249 -7.82 0.93 -11.93
N TYR A 250 -9.09 1.24 -12.20
CA TYR A 250 -9.69 0.87 -13.48
C TYR A 250 -10.84 1.81 -13.89
N THR A 251 -10.72 2.37 -15.07
CA THR A 251 -11.78 3.22 -15.58
C THR A 251 -12.91 2.39 -16.21
N LEU A 252 -14.12 2.54 -15.70
CA LEU A 252 -15.27 1.81 -16.20
C LEU A 252 -15.97 2.54 -17.34
N SER A 253 -16.83 1.84 -18.06
CA SER A 253 -17.43 2.41 -19.27
C SER A 253 -18.34 3.60 -18.98
N SER A 254 -18.77 3.72 -17.73
CA SER A 254 -19.65 4.81 -17.32
C SER A 254 -18.88 6.10 -17.04
N GLY A 255 -17.56 5.99 -16.95
CA GLY A 255 -16.72 7.12 -16.57
C GLY A 255 -16.39 7.02 -15.09
N ARG A 256 -17.08 6.12 -14.39
CA ARG A 256 -16.78 5.87 -13.02
C ARG A 256 -15.40 5.21 -12.95
N VAL A 257 -14.56 5.69 -12.03
CA VAL A 257 -13.26 5.10 -11.81
C VAL A 257 -13.34 4.29 -10.51
N LEU A 258 -12.86 3.06 -10.57
CA LEU A 258 -12.93 2.16 -9.44
C LEU A 258 -11.53 1.86 -8.97
N SER A 259 -11.39 1.59 -7.67
CA SER A 259 -10.11 1.22 -7.07
C SER A 259 -10.26 0.11 -6.06
N SER A 260 -9.35 -0.83 -6.07
CA SER A 260 -9.35 -1.90 -5.08
C SER A 260 -7.99 -1.91 -4.37
N ILE A 261 -7.98 -2.39 -3.13
CA ILE A 261 -6.78 -2.31 -2.32
C ILE A 261 -6.76 -3.33 -1.19
N ASP A 262 -5.56 -3.58 -0.66
CA ASP A 262 -5.40 -4.40 0.53
C ASP A 262 -5.64 -3.52 1.74
N ALA A 263 -6.71 -3.82 2.47
CA ALA A 263 -6.93 -3.16 3.73
C ALA A 263 -6.24 -4.00 4.79
N ARG A 264 -5.03 -3.62 5.14
CA ARG A 264 -4.21 -4.44 6.03
C ARG A 264 -4.25 -3.96 7.48
N TYR A 265 -4.56 -4.89 8.37
CA TYR A 265 -4.83 -4.58 9.76
C TYR A 265 -3.61 -4.79 10.65
N GLY A 266 -2.89 -5.87 10.43
CA GLY A 266 -1.74 -6.18 11.25
C GLY A 266 -0.48 -5.52 10.69
N GLY A 267 -0.43 -4.20 10.74
CA GLY A 267 0.64 -3.48 10.07
C GLY A 267 0.59 -3.72 8.58
N THR A 268 1.71 -3.48 7.91
CA THR A 268 1.79 -3.61 6.46
C THR A 268 2.39 -4.95 6.03
N HIS A 269 2.34 -5.94 6.92
CA HIS A 269 2.87 -7.25 6.60
C HIS A 269 2.09 -7.90 5.48
N ASP A 270 2.77 -8.73 4.70
CA ASP A 270 2.09 -9.66 3.81
C ASP A 270 1.29 -10.63 4.67
N SER A 271 0.42 -11.42 4.05
CA SER A 271 -0.15 -12.57 4.71
C SER A 271 1.02 -13.45 5.14
N LYS A 272 0.90 -14.20 6.24
CA LYS A 272 -0.26 -14.25 7.11
C LYS A 272 -0.49 -12.93 7.87
N SER A 273 -1.76 -12.56 8.01
CA SER A 273 -2.15 -11.36 8.72
C SER A 273 -3.67 -11.32 8.67
N LYS A 274 -4.27 -10.22 9.09
CA LYS A 274 -5.64 -9.94 8.67
C LYS A 274 -5.57 -8.91 7.54
N ILE A 275 -6.13 -9.27 6.39
CA ILE A 275 -6.24 -8.36 5.26
C ILE A 275 -7.59 -8.55 4.55
N ASN A 276 -8.26 -7.43 4.27
CA ASN A 276 -9.50 -7.43 3.51
C ASN A 276 -9.29 -6.73 2.18
N ILE A 277 -10.13 -7.05 1.18
CA ILE A 277 -10.13 -6.26 -0.04
C ILE A 277 -11.18 -5.18 0.01
N ALA A 278 -10.72 -3.94 -0.09
CA ALA A 278 -11.60 -2.77 -0.06
C ALA A 278 -11.68 -2.11 -1.42
N THR A 279 -12.79 -1.43 -1.68
CA THR A 279 -12.96 -0.66 -2.92
C THR A 279 -13.65 0.66 -2.68
N SER A 280 -13.41 1.59 -3.59
CA SER A 280 -14.04 2.91 -3.58
C SER A 280 -14.07 3.37 -5.02
N TYR A 281 -15.03 4.21 -5.38
CA TYR A 281 -15.10 4.73 -6.73
C TYR A 281 -15.15 6.24 -6.79
N SER A 282 -14.84 6.78 -7.96
CA SER A 282 -15.01 8.19 -8.21
C SER A 282 -15.89 8.46 -9.47
N ASP A 283 -16.87 9.34 -9.32
CA ASP A 283 -17.72 9.69 -10.44
C ASP A 283 -17.38 11.04 -11.03
N ASP A 284 -16.35 11.69 -10.51
CA ASP A 284 -16.00 13.02 -10.99
C ASP A 284 -14.55 13.10 -11.39
N ASN A 285 -14.06 12.07 -12.08
CA ASN A 285 -12.66 11.98 -12.49
C ASN A 285 -11.63 12.04 -11.36
N GLY A 286 -11.91 11.35 -10.26
CA GLY A 286 -10.94 11.25 -9.19
C GLY A 286 -10.79 12.47 -8.31
N LYS A 287 -11.76 13.39 -8.38
CA LYS A 287 -11.71 14.59 -7.54
C LYS A 287 -12.25 14.28 -6.16
N THR A 288 -13.16 13.31 -6.10
CA THR A 288 -13.67 12.79 -4.83
C THR A 288 -13.84 11.29 -4.93
N TRP A 289 -13.87 10.63 -3.79
CA TRP A 289 -13.97 9.17 -3.79
C TRP A 289 -15.02 8.73 -2.80
N SER A 290 -15.66 7.61 -3.09
CA SER A 290 -16.71 7.11 -2.22
C SER A 290 -16.09 6.53 -0.95
N GLU A 291 -16.90 6.47 0.10
CA GLU A 291 -16.52 5.81 1.34
C GLU A 291 -16.38 4.33 1.04
N PRO A 292 -15.19 3.79 1.25
CA PRO A 292 -14.89 2.42 0.81
C PRO A 292 -15.79 1.32 1.37
N ILE A 293 -15.99 0.26 0.58
CA ILE A 293 -16.73 -0.92 1.03
C ILE A 293 -15.87 -2.16 0.80
N PHE A 294 -16.31 -3.31 1.30
CA PHE A 294 -15.53 -4.53 1.14
C PHE A 294 -15.93 -5.32 -0.09
N ALA A 295 -14.91 -5.68 -0.88
CA ALA A 295 -15.09 -6.61 -2.01
C ALA A 295 -14.92 -8.04 -1.52
N MET A 296 -13.93 -8.26 -0.66
CA MET A 296 -13.71 -9.56 -0.07
C MET A 296 -13.31 -9.38 1.40
N LYS A 297 -13.99 -10.07 2.29
CA LYS A 297 -13.68 -9.91 3.71
C LYS A 297 -13.90 -11.18 4.52
N PHE A 298 -13.13 -11.31 5.59
CA PHE A 298 -13.31 -12.40 6.53
C PHE A 298 -13.73 -11.82 7.87
N ASN A 299 -14.35 -12.66 8.69
CA ASN A 299 -14.93 -12.24 9.96
C ASN A 299 -14.33 -12.91 11.21
N ASP A 300 -13.37 -13.82 11.01
CA ASP A 300 -12.77 -14.54 12.12
C ASP A 300 -12.01 -13.64 13.08
N TYR A 301 -11.40 -12.60 12.54
CA TYR A 301 -10.80 -11.57 13.37
C TYR A 301 -11.53 -10.26 13.17
N GLU A 302 -11.63 -9.49 14.26
CA GLU A 302 -12.24 -8.16 14.22
C GLU A 302 -11.46 -7.20 13.33
N GLU A 303 -12.17 -6.24 12.72
CA GLU A 303 -11.53 -5.15 12.00
C GLU A 303 -11.05 -4.09 12.99
N GLN A 304 -9.74 -4.02 13.22
CA GLN A 304 -9.21 -3.15 14.27
C GLN A 304 -8.17 -2.15 13.78
N LEU A 305 -8.44 -0.87 14.04
CA LEU A 305 -7.47 0.16 13.70
C LEU A 305 -6.37 0.14 14.75
N VAL A 306 -5.33 -0.66 14.52
CA VAL A 306 -4.23 -0.78 15.48
C VAL A 306 -2.95 -0.06 15.02
N TYR A 307 -2.33 0.68 15.95
CA TYR A 307 -1.00 1.25 15.72
C TYR A 307 0.02 0.15 15.99
N TRP A 308 0.73 -0.27 14.94
CA TRP A 308 1.63 -1.42 15.02
C TRP A 308 3.05 -0.98 15.46
N PRO A 309 3.65 -1.71 16.41
CA PRO A 309 4.95 -1.32 16.97
C PRO A 309 6.06 -1.21 15.92
N ARG A 310 6.89 -0.17 16.00
CA ARG A 310 7.96 0.02 15.03
C ARG A 310 9.38 -0.19 15.59
N ASP A 311 9.46 -0.50 16.87
CA ASP A 311 10.77 -0.80 17.48
C ASP A 311 11.23 -2.15 16.96
N ASN A 312 12.54 -2.35 16.86
CA ASN A 312 13.09 -3.58 16.30
C ASN A 312 12.67 -4.85 17.04
N LYS A 313 12.52 -4.72 18.36
CA LYS A 313 12.10 -5.84 19.20
C LYS A 313 10.67 -6.33 18.86
N LEU A 314 9.85 -5.49 18.25
CA LEU A 314 8.45 -5.83 18.09
C LEU A 314 7.83 -5.64 16.70
N LYS A 315 8.53 -5.00 15.77
CA LYS A 315 7.94 -4.68 14.48
C LYS A 315 7.60 -5.90 13.62
N ASN A 316 8.22 -7.04 13.90
CA ASN A 316 7.87 -8.25 13.17
C ASN A 316 6.77 -9.05 13.83
N SER A 317 6.07 -8.46 14.78
CA SER A 317 4.86 -9.07 15.30
C SER A 317 3.89 -9.20 14.12
N GLN A 318 3.25 -10.36 14.01
CA GLN A 318 2.40 -10.63 12.86
C GLN A 318 1.18 -11.43 13.27
N ILE A 319 0.01 -10.98 12.85
CA ILE A 319 -1.24 -11.68 13.12
C ILE A 319 -1.22 -13.09 12.50
N SER A 320 -1.37 -14.09 13.34
CA SER A 320 -1.04 -15.46 12.93
C SER A 320 -2.20 -16.44 12.95
N GLY A 321 -3.39 -15.98 13.34
CA GLY A 321 -4.56 -16.83 13.36
C GLY A 321 -5.62 -16.40 12.37
N SER A 322 -5.34 -15.36 11.60
CA SER A 322 -6.35 -14.85 10.68
C SER A 322 -6.23 -15.36 9.22
N ALA A 323 -7.39 -15.59 8.64
CA ALA A 323 -7.51 -15.81 7.22
C ALA A 323 -7.44 -14.42 6.58
N SER A 324 -7.10 -14.36 5.30
CA SER A 324 -6.91 -13.05 4.69
C SER A 324 -6.99 -13.09 3.19
N PHE A 325 -7.14 -11.90 2.60
CA PHE A 325 -7.10 -11.70 1.16
C PHE A 325 -5.88 -10.85 0.86
N ILE A 326 -5.34 -10.95 -0.35
CA ILE A 326 -4.14 -10.21 -0.70
C ILE A 326 -3.96 -10.21 -2.23
N ASP A 327 -3.55 -9.08 -2.77
CA ASP A 327 -3.37 -8.90 -4.22
C ASP A 327 -4.67 -9.04 -5.02
N SER A 328 -5.32 -7.90 -5.26
CA SER A 328 -6.54 -7.87 -6.05
C SER A 328 -6.29 -7.36 -7.46
N SER A 329 -7.08 -7.82 -8.42
CA SER A 329 -7.03 -7.28 -9.78
C SER A 329 -8.45 -7.11 -10.33
N ILE A 330 -8.68 -6.05 -11.11
CA ILE A 330 -10.04 -5.72 -11.59
C ILE A 330 -10.12 -5.52 -13.10
N VAL A 331 -11.27 -5.85 -13.70
CA VAL A 331 -11.60 -5.53 -15.10
C VAL A 331 -13.09 -5.33 -15.23
N GLU A 332 -13.49 -4.64 -16.30
CA GLU A 332 -14.90 -4.60 -16.68
C GLU A 332 -15.09 -5.52 -17.87
N ASP A 333 -16.17 -6.29 -17.86
CA ASP A 333 -16.55 -7.08 -19.03
C ASP A 333 -17.62 -6.36 -19.82
N LYS A 334 -17.32 -6.08 -21.10
CA LYS A 334 -18.25 -5.43 -22.03
C LYS A 334 -19.59 -6.13 -22.08
N LYS A 335 -19.53 -7.41 -22.40
CA LYS A 335 -20.72 -8.20 -22.64
C LYS A 335 -21.75 -8.10 -21.50
N SER A 336 -21.36 -8.52 -20.29
CA SER A 336 -22.29 -8.60 -19.17
C SER A 336 -22.49 -7.25 -18.48
N GLY A 337 -21.57 -6.32 -18.73
CA GLY A 337 -21.51 -5.08 -17.98
C GLY A 337 -20.95 -5.24 -16.57
N LYS A 338 -20.70 -6.50 -16.19
CA LYS A 338 -20.20 -6.82 -14.86
C LYS A 338 -18.82 -6.23 -14.62
N THR A 339 -18.53 -6.01 -13.36
CA THR A 339 -17.19 -5.66 -12.98
C THR A 339 -16.65 -6.87 -12.19
N ILE A 340 -15.44 -7.29 -12.52
CA ILE A 340 -14.86 -8.51 -11.95
C ILE A 340 -13.60 -8.23 -11.17
N LEU A 341 -13.51 -8.81 -9.97
CA LEU A 341 -12.35 -8.65 -9.09
C LEU A 341 -11.85 -9.99 -8.59
N LEU A 342 -10.56 -10.26 -8.78
CA LEU A 342 -9.94 -11.45 -8.20
C LEU A 342 -9.00 -11.06 -7.08
N ALA A 343 -8.74 -11.99 -6.16
CA ALA A 343 -7.67 -11.83 -5.17
C ALA A 343 -7.12 -13.18 -4.70
N ASP A 344 -5.91 -13.20 -4.14
CA ASP A 344 -5.40 -14.40 -3.48
C ASP A 344 -6.13 -14.58 -2.15
N VAL A 345 -6.44 -15.84 -1.83
CA VAL A 345 -7.14 -16.14 -0.59
C VAL A 345 -6.21 -16.99 0.26
N MET A 346 -6.14 -16.69 1.55
CA MET A 346 -5.24 -17.39 2.48
C MET A 346 -6.02 -17.86 3.70
N PRO A 347 -5.97 -19.17 3.99
CA PRO A 347 -6.64 -19.69 5.18
C PRO A 347 -5.93 -19.21 6.40
N ALA A 348 -6.56 -19.38 7.56
CA ALA A 348 -6.01 -18.87 8.81
C ALA A 348 -4.55 -19.31 8.98
N GLY A 349 -3.72 -18.31 9.31
CA GLY A 349 -2.31 -18.49 9.58
C GLY A 349 -1.45 -18.75 8.35
N ILE A 350 -1.96 -18.41 7.16
CA ILE A 350 -1.22 -18.75 5.94
C ILE A 350 -0.82 -17.55 5.06
N GLY A 351 0.42 -17.61 4.58
CA GLY A 351 0.97 -16.63 3.67
C GLY A 351 1.67 -17.44 2.60
N ASN A 352 2.44 -16.79 1.73
CA ASN A 352 3.09 -17.53 0.62
C ASN A 352 4.36 -18.26 1.03
N ASN A 353 4.94 -17.86 2.16
CA ASN A 353 6.20 -18.42 2.64
C ASN A 353 6.00 -19.80 3.24
N ASN A 354 4.78 -20.07 3.71
CA ASN A 354 4.45 -21.32 4.37
C ASN A 354 3.24 -21.99 3.76
N ALA A 355 2.80 -21.49 2.60
CA ALA A 355 1.67 -22.09 1.89
C ALA A 355 2.07 -23.45 1.34
N ASN A 356 1.20 -24.43 1.52
CA ASN A 356 1.43 -25.78 1.02
C ASN A 356 1.56 -25.81 -0.50
N LYS A 357 2.79 -25.66 -0.99
CA LYS A 357 3.05 -25.95 -2.39
C LYS A 357 2.93 -27.47 -2.53
N ALA A 358 2.73 -27.98 -3.74
CA ALA A 358 2.50 -29.42 -3.95
C ALA A 358 1.15 -29.90 -3.41
N ASP A 359 0.14 -29.02 -3.49
CA ASP A 359 -1.23 -29.33 -3.10
C ASP A 359 -2.12 -28.15 -3.50
N SER A 360 -2.92 -28.35 -4.55
CA SER A 360 -3.86 -27.34 -5.03
C SER A 360 -4.95 -27.04 -4.01
N GLY A 361 -5.21 -28.01 -3.15
CA GLY A 361 -6.27 -27.89 -2.17
C GLY A 361 -7.51 -28.62 -2.64
N PHE A 362 -7.39 -29.28 -3.79
CA PHE A 362 -8.51 -30.00 -4.37
C PHE A 362 -8.18 -31.45 -4.65
N LYS A 363 -9.19 -32.29 -4.57
CA LYS A 363 -9.06 -33.67 -5.00
C LYS A 363 -9.83 -33.83 -6.30
N GLU A 364 -9.21 -34.47 -7.28
CA GLU A 364 -9.82 -34.70 -8.59
C GLU A 364 -10.58 -36.02 -8.60
N ILE A 365 -11.88 -35.96 -8.86
CA ILE A 365 -12.68 -37.18 -9.00
C ILE A 365 -13.40 -37.18 -10.34
N ASN A 366 -12.81 -37.86 -11.32
CA ASN A 366 -13.37 -38.00 -12.66
C ASN A 366 -13.65 -36.69 -13.38
N GLY A 367 -12.57 -35.97 -13.71
CA GLY A 367 -12.68 -34.76 -14.50
C GLY A 367 -12.99 -33.52 -13.67
N HIS A 368 -13.43 -33.72 -12.43
CA HIS A 368 -13.84 -32.60 -11.59
C HIS A 368 -12.97 -32.40 -10.35
N TYR A 369 -12.73 -31.13 -10.05
CA TYR A 369 -11.98 -30.75 -8.85
C TYR A 369 -12.94 -30.43 -7.72
N TYR A 370 -12.75 -31.12 -6.59
CA TYR A 370 -13.55 -30.90 -5.39
C TYR A 370 -12.68 -30.29 -4.31
N LEU A 371 -13.24 -29.35 -3.57
CA LEU A 371 -12.53 -28.75 -2.43
C LEU A 371 -12.47 -29.71 -1.23
N LYS A 372 -11.25 -29.93 -0.75
CA LYS A 372 -11.00 -30.86 0.35
C LYS A 372 -11.19 -30.21 1.74
N LEU A 373 -11.60 -31.03 2.71
CA LEU A 373 -11.73 -30.58 4.11
C LEU A 373 -11.12 -31.54 5.15
N LYS A 374 -10.64 -30.97 6.25
CA LYS A 374 -10.16 -31.75 7.38
C LYS A 374 -11.02 -31.46 8.62
N LYS A 375 -11.50 -32.51 9.26
CA LYS A 375 -12.31 -32.35 10.47
C LYS A 375 -11.34 -32.42 11.66
N ASN A 376 -11.66 -31.74 12.76
CA ASN A 376 -10.79 -31.79 13.93
C ASN A 376 -10.69 -33.20 14.47
N GLY A 377 -9.48 -33.56 14.93
CA GLY A 377 -9.24 -34.89 15.43
C GLY A 377 -8.59 -35.77 14.38
N ASP A 378 -8.96 -35.55 13.11
CA ASP A 378 -8.31 -36.25 12.01
C ASP A 378 -6.99 -35.58 11.71
N ASN A 379 -6.03 -36.36 11.24
CA ASN A 379 -4.74 -35.83 10.83
C ASN A 379 -4.58 -35.94 9.30
N ASP A 380 -5.62 -36.42 8.64
CA ASP A 380 -5.67 -36.38 7.18
C ASP A 380 -6.95 -35.72 6.68
N PHE A 381 -6.95 -35.34 5.41
CA PHE A 381 -8.15 -34.80 4.77
C PHE A 381 -9.00 -35.96 4.30
N ARG A 382 -10.23 -36.04 4.81
CA ARG A 382 -11.09 -37.16 4.44
C ARG A 382 -12.42 -36.71 3.83
N TYR A 383 -12.58 -35.41 3.62
CA TYR A 383 -13.85 -34.90 3.13
C TYR A 383 -13.70 -34.07 1.89
N THR A 384 -14.76 -33.98 1.11
CA THR A 384 -14.81 -33.06 0.00
C THR A 384 -16.12 -32.32 0.04
N VAL A 385 -16.17 -31.21 -0.67
CA VAL A 385 -17.39 -30.44 -0.83
C VAL A 385 -17.88 -30.76 -2.21
N ARG A 386 -18.87 -31.65 -2.29
CA ARG A 386 -19.39 -32.09 -3.57
C ARG A 386 -20.41 -31.10 -4.07
N GLU A 387 -21.25 -31.55 -5.00
CA GLU A 387 -22.34 -30.74 -5.53
C GLU A 387 -23.31 -30.32 -4.42
N ASN A 388 -23.86 -29.12 -4.56
CA ASN A 388 -24.71 -28.53 -3.53
C ASN A 388 -24.04 -28.54 -2.15
N GLY A 389 -22.76 -28.17 -2.14
CA GLY A 389 -22.00 -28.02 -0.91
C GLY A 389 -22.12 -29.15 0.08
N VAL A 390 -22.45 -30.34 -0.41
CA VAL A 390 -22.58 -31.48 0.48
C VAL A 390 -21.18 -31.93 0.93
N VAL A 391 -21.04 -32.15 2.23
CA VAL A 391 -19.77 -32.60 2.74
C VAL A 391 -19.79 -34.10 2.74
N TYR A 392 -18.96 -34.66 1.86
CA TYR A 392 -18.94 -36.08 1.61
C TYR A 392 -17.68 -36.64 2.24
N ASN A 393 -17.82 -37.78 2.91
CA ASN A 393 -16.70 -38.47 3.51
C ASN A 393 -16.06 -39.38 2.45
N GLU A 394 -14.77 -39.17 2.20
CA GLU A 394 -14.06 -39.89 1.16
C GLU A 394 -13.72 -41.33 1.52
N THR A 395 -13.45 -41.57 2.80
CA THR A 395 -13.12 -42.92 3.26
C THR A 395 -14.34 -43.86 3.27
N THR A 396 -15.37 -43.46 4.00
CA THR A 396 -16.56 -44.29 4.16
C THR A 396 -17.38 -44.30 2.88
N ASN A 397 -17.23 -43.23 2.11
CA ASN A 397 -18.02 -42.99 0.90
C ASN A 397 -19.50 -42.69 1.20
N LYS A 398 -19.76 -42.21 2.41
CA LYS A 398 -21.10 -41.73 2.75
C LYS A 398 -21.06 -40.22 2.88
N PRO A 399 -22.09 -39.54 2.38
CA PRO A 399 -22.23 -38.09 2.61
C PRO A 399 -22.49 -37.84 4.09
N THR A 400 -22.37 -36.59 4.53
CA THR A 400 -22.49 -36.27 5.94
C THR A 400 -23.59 -35.28 6.25
N ASN A 401 -23.85 -35.09 7.55
CA ASN A 401 -24.91 -34.22 7.98
C ASN A 401 -24.48 -32.76 7.92
N TYR A 402 -23.32 -32.51 7.32
CA TYR A 402 -22.80 -31.16 7.22
C TYR A 402 -22.85 -30.69 5.77
N THR A 403 -23.09 -29.39 5.58
CA THR A 403 -22.98 -28.80 4.25
C THR A 403 -22.25 -27.45 4.27
N ILE A 404 -21.72 -27.06 3.12
CA ILE A 404 -20.98 -25.81 2.98
C ILE A 404 -21.74 -24.83 2.09
N ASN A 405 -22.12 -23.69 2.66
CA ASN A 405 -22.88 -22.71 1.90
C ASN A 405 -22.04 -21.92 0.89
N ASP A 406 -22.62 -20.90 0.29
CA ASP A 406 -21.96 -20.13 -0.74
C ASP A 406 -20.88 -19.24 -0.18
N LYS A 407 -21.02 -18.86 1.08
CA LYS A 407 -20.01 -18.03 1.73
C LYS A 407 -18.95 -18.89 2.42
N TYR A 408 -18.94 -20.17 2.06
CA TYR A 408 -18.01 -21.14 2.61
C TYR A 408 -18.19 -21.25 4.12
N GLU A 409 -19.41 -20.98 4.57
CA GLU A 409 -19.75 -21.20 5.96
C GLU A 409 -20.27 -22.62 6.16
N VAL A 410 -20.10 -23.14 7.36
CA VAL A 410 -20.46 -24.52 7.66
C VAL A 410 -21.84 -24.64 8.28
N LEU A 411 -22.65 -25.53 7.73
CA LEU A 411 -23.94 -25.81 8.30
C LEU A 411 -24.01 -27.26 8.77
N GLU A 412 -24.62 -27.48 9.92
CA GLU A 412 -24.89 -28.84 10.34
C GLU A 412 -26.37 -29.07 10.35
N GLY A 413 -26.80 -30.13 9.66
CA GLY A 413 -28.20 -30.45 9.53
C GLY A 413 -29.01 -29.24 9.15
N GLY A 414 -28.44 -28.40 8.28
CA GLY A 414 -29.11 -27.19 7.84
C GLY A 414 -28.97 -26.01 8.78
N LYS A 415 -28.48 -26.26 9.99
CA LYS A 415 -28.28 -25.18 10.96
C LYS A 415 -26.88 -24.55 10.83
N SER A 416 -26.85 -23.22 10.85
CA SER A 416 -25.59 -22.49 10.74
C SER A 416 -24.75 -22.60 12.01
N LEU A 417 -23.50 -23.02 11.86
CA LEU A 417 -22.59 -23.09 13.00
C LEU A 417 -21.75 -21.83 13.10
N THR A 418 -21.23 -21.57 14.30
CA THR A 418 -20.48 -20.34 14.54
C THR A 418 -19.18 -20.51 15.32
N VAL A 419 -18.23 -19.61 15.09
CA VAL A 419 -17.03 -19.53 15.91
C VAL A 419 -16.98 -18.21 16.64
N GLU A 420 -16.14 -18.13 17.67
CA GLU A 420 -15.93 -16.91 18.41
C GLU A 420 -14.83 -16.11 17.72
N GLN A 421 -14.98 -14.79 17.73
CA GLN A 421 -14.07 -13.87 17.07
C GLN A 421 -12.85 -13.56 17.94
N TYR A 422 -11.72 -13.29 17.27
CA TYR A 422 -10.51 -12.90 17.96
C TYR A 422 -10.25 -11.41 17.80
N SER A 423 -9.58 -10.84 18.80
CA SER A 423 -9.05 -9.48 18.70
C SER A 423 -7.57 -9.50 19.05
N VAL A 424 -6.83 -8.55 18.50
CA VAL A 424 -5.42 -8.45 18.82
C VAL A 424 -5.16 -7.22 19.68
N ASP A 425 -4.11 -7.28 20.51
CA ASP A 425 -3.72 -6.16 21.35
C ASP A 425 -2.28 -6.32 21.78
N PHE A 426 -1.69 -5.23 22.27
CA PHE A 426 -0.32 -5.24 22.76
C PHE A 426 -0.26 -4.80 24.23
N ASP A 427 -1.37 -4.93 24.94
CA ASP A 427 -1.41 -4.50 26.34
C ASP A 427 -0.43 -5.24 27.24
N SER A 428 -0.14 -6.49 26.93
CA SER A 428 0.78 -7.27 27.73
C SER A 428 2.23 -6.99 27.32
N GLY A 429 2.41 -6.01 26.44
CA GLY A 429 3.75 -5.66 26.01
C GLY A 429 4.20 -6.40 24.77
N SER A 430 3.50 -7.48 24.43
CA SER A 430 3.75 -8.18 23.20
C SER A 430 2.41 -8.50 22.55
N LEU A 431 2.42 -8.98 21.31
CA LEU A 431 1.19 -9.27 20.57
C LEU A 431 0.38 -10.43 21.17
N ARG A 432 -0.93 -10.28 21.20
CA ARG A 432 -1.78 -11.27 21.84
C ARG A 432 -3.12 -11.34 21.12
N GLU A 433 -3.45 -12.52 20.62
CA GLU A 433 -4.70 -12.74 19.91
C GLU A 433 -5.61 -13.55 20.82
N ARG A 434 -6.82 -13.07 21.04
CA ARG A 434 -7.71 -13.67 22.03
C ARG A 434 -9.20 -13.48 21.75
N HIS A 435 -9.97 -14.54 22.02
CA HIS A 435 -11.43 -14.55 21.82
C HIS A 435 -12.12 -13.35 22.46
N ASN A 436 -12.89 -12.62 21.68
CA ASN A 436 -13.46 -11.36 22.16
C ASN A 436 -14.93 -11.44 22.55
N GLY A 437 -15.52 -12.64 22.50
CA GLY A 437 -16.90 -12.84 22.90
C GLY A 437 -17.91 -13.01 21.78
N LYS A 438 -17.75 -12.23 20.71
CA LYS A 438 -18.67 -12.23 19.56
C LYS A 438 -18.72 -13.57 18.82
N GLN A 439 -19.89 -13.95 18.31
CA GLN A 439 -19.99 -15.20 17.53
C GLN A 439 -20.18 -14.85 16.06
N VAL A 440 -19.45 -15.56 15.18
CA VAL A 440 -19.52 -15.32 13.75
C VAL A 440 -19.69 -16.64 13.00
N PRO A 441 -20.31 -16.61 11.81
CA PRO A 441 -20.45 -17.83 11.03
C PRO A 441 -19.14 -18.59 10.84
N MET A 442 -19.14 -19.86 11.23
CA MET A 442 -18.02 -20.76 11.01
C MET A 442 -17.69 -20.90 9.52
N ASN A 443 -16.47 -20.54 9.17
CA ASN A 443 -16.05 -20.57 7.78
C ASN A 443 -14.82 -21.47 7.65
N VAL A 444 -14.83 -22.37 6.68
CA VAL A 444 -13.77 -23.37 6.52
C VAL A 444 -12.38 -22.79 6.29
N PHE A 445 -12.29 -21.46 6.17
CA PHE A 445 -11.00 -20.80 6.07
C PHE A 445 -10.53 -20.35 7.46
N TYR A 446 -11.40 -20.52 8.46
CA TYR A 446 -11.12 -20.05 9.82
C TYR A 446 -10.33 -21.06 10.63
N LYS A 447 -9.61 -20.55 11.61
CA LYS A 447 -8.82 -21.36 12.53
C LYS A 447 -9.68 -22.32 13.38
N ASP A 448 -10.73 -21.79 13.98
CA ASP A 448 -11.58 -22.57 14.85
C ASP A 448 -12.58 -23.45 14.12
N SER A 449 -12.55 -23.44 12.80
CA SER A 449 -13.53 -24.20 12.02
C SER A 449 -13.44 -25.71 12.30
N LEU A 450 -14.59 -26.35 12.35
CA LEU A 450 -14.71 -27.78 12.52
C LEU A 450 -14.24 -28.50 11.26
N PHE A 451 -14.40 -27.81 10.14
CA PHE A 451 -13.90 -28.29 8.85
C PHE A 451 -12.98 -27.25 8.21
N LYS A 452 -11.80 -27.69 7.79
CA LYS A 452 -10.75 -26.79 7.33
C LYS A 452 -10.20 -27.13 5.94
N VAL A 453 -9.90 -26.08 5.18
CA VAL A 453 -9.34 -26.24 3.85
C VAL A 453 -7.87 -26.62 3.90
N THR A 454 -7.28 -26.78 2.74
CA THR A 454 -5.87 -27.08 2.69
C THR A 454 -5.05 -25.81 2.95
N PRO A 455 -4.14 -25.87 3.92
CA PRO A 455 -3.26 -24.72 4.23
C PRO A 455 -2.44 -24.30 3.02
N THR A 456 -3.11 -23.79 2.00
CA THR A 456 -2.44 -23.31 0.80
C THR A 456 -3.14 -22.09 0.22
N ASN A 457 -2.54 -21.51 -0.83
CA ASN A 457 -3.08 -20.30 -1.46
C ASN A 457 -4.13 -20.58 -2.54
N TYR A 458 -5.23 -19.83 -2.49
CA TYR A 458 -6.29 -19.95 -3.47
C TYR A 458 -6.47 -18.62 -4.20
N ILE A 459 -7.20 -18.68 -5.31
CA ILE A 459 -7.62 -17.49 -6.03
C ILE A 459 -9.14 -17.45 -6.02
N ALA A 460 -9.73 -16.28 -5.82
CA ALA A 460 -11.18 -16.17 -5.82
C ALA A 460 -11.60 -15.01 -6.68
N MET A 461 -12.81 -15.08 -7.23
CA MET A 461 -13.39 -13.91 -7.88
C MET A 461 -14.66 -13.48 -7.18
N THR A 462 -15.00 -12.20 -7.35
CA THR A 462 -16.31 -11.65 -7.02
C THR A 462 -16.73 -10.77 -8.19
N THR A 463 -18.02 -10.46 -8.29
CA THR A 463 -18.52 -9.54 -9.31
C THR A 463 -19.37 -8.42 -8.74
N SER A 464 -19.48 -7.32 -9.47
CA SER A 464 -20.39 -6.24 -9.11
C SER A 464 -21.33 -5.96 -10.27
N GLN A 465 -22.63 -6.07 -10.02
CA GLN A 465 -23.57 -5.73 -11.08
C GLN A 465 -23.75 -4.22 -11.17
N ASN A 466 -23.28 -3.51 -10.14
CA ASN A 466 -23.56 -2.08 -10.01
C ASN A 466 -22.32 -1.20 -9.97
N ARG A 467 -21.22 -1.70 -10.51
CA ARG A 467 -20.00 -0.91 -10.70
C ARG A 467 -19.39 -0.45 -9.39
N GLY A 468 -19.23 -1.37 -8.44
CA GLY A 468 -18.56 -1.06 -7.19
C GLY A 468 -19.47 -0.72 -6.01
N GLU A 469 -20.78 -0.67 -6.22
CA GLU A 469 -21.66 -0.33 -5.12
C GLU A 469 -21.89 -1.51 -4.19
N SER A 470 -21.90 -2.71 -4.74
CA SER A 470 -21.90 -3.90 -3.89
C SER A 470 -21.15 -5.02 -4.59
N TRP A 471 -20.79 -6.06 -3.83
CA TRP A 471 -20.04 -7.18 -4.37
C TRP A 471 -20.66 -8.48 -3.95
N GLU A 472 -20.67 -9.44 -4.87
CA GLU A 472 -21.21 -10.75 -4.60
C GLU A 472 -20.27 -11.50 -3.67
N GLN A 473 -20.82 -12.53 -3.01
CA GLN A 473 -20.00 -13.48 -2.29
C GLN A 473 -18.98 -14.11 -3.25
N PHE A 474 -17.71 -14.09 -2.87
CA PHE A 474 -16.66 -14.57 -3.77
C PHE A 474 -16.79 -16.06 -4.02
N LYS A 475 -16.43 -16.47 -5.23
CA LYS A 475 -16.27 -17.88 -5.52
C LYS A 475 -14.78 -18.23 -5.71
N LEU A 476 -14.37 -19.35 -5.14
CA LEU A 476 -13.05 -19.92 -5.41
C LEU A 476 -12.93 -20.39 -6.86
N LEU A 477 -11.76 -20.16 -7.45
CA LEU A 477 -11.44 -20.70 -8.78
C LEU A 477 -10.85 -22.12 -8.67
N PRO A 478 -11.01 -22.94 -9.73
CA PRO A 478 -10.47 -24.32 -9.71
C PRO A 478 -8.95 -24.33 -9.86
N PRO A 479 -8.32 -25.50 -9.68
CA PRO A 479 -6.90 -25.64 -9.96
C PRO A 479 -6.60 -25.43 -11.45
N PHE A 480 -5.43 -24.88 -11.75
CA PHE A 480 -5.01 -24.73 -13.15
C PHE A 480 -3.77 -25.54 -13.49
N LEU A 481 -2.88 -25.71 -12.52
CA LEU A 481 -1.65 -26.44 -12.75
C LEU A 481 -1.64 -27.78 -12.03
N GLY A 482 -2.80 -28.39 -11.88
CA GLY A 482 -2.86 -29.73 -11.33
C GLY A 482 -3.36 -29.88 -9.90
N GLU A 483 -3.86 -31.07 -9.63
CA GLU A 483 -4.36 -31.45 -8.33
C GLU A 483 -3.29 -31.29 -7.23
N LYS A 484 -2.04 -31.62 -7.55
CA LYS A 484 -0.99 -31.60 -6.54
C LYS A 484 0.02 -30.48 -6.79
N HIS A 485 -0.49 -29.29 -7.07
CA HIS A 485 0.31 -28.09 -7.28
C HIS A 485 -0.48 -26.94 -6.69
N ASN A 486 0.12 -26.23 -5.74
CA ASN A 486 -0.52 -25.08 -5.12
C ASN A 486 -1.00 -24.07 -6.16
N GLY A 487 -2.06 -23.33 -5.83
CA GLY A 487 -2.54 -22.29 -6.71
C GLY A 487 -1.50 -21.24 -7.06
N THR A 488 -1.65 -20.62 -8.22
CA THR A 488 -0.72 -19.57 -8.61
C THR A 488 -1.03 -18.28 -7.87
N TYR A 489 -0.31 -17.23 -8.24
CA TYR A 489 -0.42 -15.97 -7.55
C TYR A 489 -0.92 -14.89 -8.46
N LEU A 490 -2.04 -14.29 -8.08
CA LEU A 490 -2.63 -13.24 -8.87
C LEU A 490 -1.70 -12.03 -9.01
N CYS A 491 -1.49 -11.55 -10.23
CA CYS A 491 -0.78 -10.30 -10.43
C CYS A 491 -1.70 -9.12 -10.08
N PRO A 492 -1.26 -8.29 -9.12
CA PRO A 492 -2.13 -7.22 -8.65
C PRO A 492 -2.16 -6.09 -9.67
N GLY A 493 -3.31 -5.42 -9.79
CA GLY A 493 -3.50 -4.35 -10.74
C GLY A 493 -4.74 -4.54 -11.60
N GLN A 494 -4.55 -4.56 -12.90
CA GLN A 494 -5.69 -4.76 -13.81
C GLN A 494 -5.58 -6.07 -14.56
N GLY A 495 -6.71 -6.67 -14.87
CA GLY A 495 -6.77 -7.72 -15.86
C GLY A 495 -7.05 -7.01 -17.16
N LEU A 496 -6.97 -7.72 -18.28
CA LEU A 496 -7.16 -7.04 -19.57
C LEU A 496 -8.47 -7.43 -20.27
N ALA A 497 -9.19 -6.43 -20.74
CA ALA A 497 -10.39 -6.63 -21.58
C ALA A 497 -10.02 -6.33 -23.00
N LEU A 498 -9.91 -7.37 -23.81
CA LEU A 498 -9.54 -7.22 -25.21
C LEU A 498 -10.61 -6.42 -25.95
N LYS A 499 -10.16 -5.46 -26.75
CA LYS A 499 -11.07 -4.49 -27.33
C LYS A 499 -11.97 -5.06 -28.42
N SER A 500 -11.65 -6.25 -28.91
CA SER A 500 -12.37 -6.75 -30.06
C SER A 500 -12.94 -8.14 -29.85
N SER A 501 -13.05 -8.52 -28.60
CA SER A 501 -13.77 -9.74 -28.27
C SER A 501 -14.31 -9.64 -26.85
N ASN A 502 -14.78 -10.77 -26.31
CA ASN A 502 -15.27 -10.79 -24.96
C ASN A 502 -14.25 -11.48 -24.08
N ARG A 503 -13.05 -11.62 -24.61
CA ARG A 503 -11.97 -12.29 -23.90
C ARG A 503 -11.47 -11.50 -22.69
N LEU A 504 -11.42 -12.18 -21.55
CA LEU A 504 -10.89 -11.57 -20.34
C LEU A 504 -9.65 -12.34 -19.88
N ILE A 505 -8.55 -11.61 -19.66
CA ILE A 505 -7.32 -12.24 -19.20
C ILE A 505 -6.82 -11.68 -17.87
N PHE A 506 -6.59 -12.57 -16.90
CA PHE A 506 -5.92 -12.18 -15.68
C PHE A 506 -4.59 -12.88 -15.61
N ALA A 507 -3.53 -12.08 -15.50
CA ALA A 507 -2.18 -12.58 -15.33
C ALA A 507 -1.98 -13.07 -13.90
N THR A 508 -1.40 -14.27 -13.79
CA THR A 508 -0.93 -14.80 -12.51
C THR A 508 0.51 -15.32 -12.69
N TYR A 509 1.19 -15.64 -11.58
CA TYR A 509 2.54 -16.19 -11.67
C TYR A 509 2.76 -17.35 -10.71
N THR A 510 3.70 -18.19 -11.06
CA THR A 510 4.11 -19.28 -10.20
C THR A 510 5.59 -19.58 -10.52
N SER A 511 6.12 -20.69 -10.00
CA SER A 511 7.52 -20.98 -10.25
C SER A 511 7.76 -21.32 -11.72
N GLY A 512 8.51 -20.46 -12.40
CA GLY A 512 9.02 -20.74 -13.73
C GLY A 512 8.18 -20.26 -14.90
N GLU A 513 6.97 -19.76 -14.64
CA GLU A 513 6.09 -19.28 -15.70
C GLU A 513 5.07 -18.25 -15.23
N LEU A 514 4.59 -17.44 -16.16
CA LEU A 514 3.31 -16.75 -16.00
C LEU A 514 2.21 -17.69 -16.45
N THR A 515 1.18 -17.78 -15.63
CA THR A 515 0.01 -18.59 -15.96
C THR A 515 -1.18 -17.67 -16.15
N TYR A 516 -1.41 -17.26 -17.39
CA TYR A 516 -2.53 -16.37 -17.69
C TYR A 516 -3.86 -17.10 -17.56
N LEU A 517 -4.82 -16.46 -16.91
CA LEU A 517 -6.18 -17.01 -16.85
C LEU A 517 -7.12 -16.33 -17.85
N ILE A 518 -7.76 -17.15 -18.68
CA ILE A 518 -8.57 -16.68 -19.80
C ILE A 518 -10.04 -17.11 -19.71
N SER A 519 -10.94 -16.15 -19.95
CA SER A 519 -12.37 -16.42 -19.97
C SER A 519 -12.96 -15.71 -21.16
N ASP A 520 -13.80 -16.44 -21.91
CA ASP A 520 -14.48 -15.84 -23.05
C ASP A 520 -15.98 -15.80 -22.75
N ASP A 521 -16.33 -16.07 -21.50
CA ASP A 521 -17.73 -16.20 -21.13
C ASP A 521 -18.03 -15.42 -19.87
N SER A 522 -17.54 -14.18 -19.84
CA SER A 522 -17.83 -13.24 -18.75
C SER A 522 -17.40 -13.77 -17.39
N GLY A 523 -16.39 -14.63 -17.36
CA GLY A 523 -15.84 -15.09 -16.11
C GLY A 523 -16.50 -16.32 -15.50
N GLN A 524 -17.51 -16.88 -16.18
CA GLN A 524 -18.10 -18.12 -15.71
C GLN A 524 -17.11 -19.28 -15.74
N THR A 525 -16.31 -19.37 -16.79
CA THR A 525 -15.31 -20.43 -16.89
C THR A 525 -13.95 -19.89 -17.29
N TRP A 526 -12.91 -20.64 -16.95
CA TRP A 526 -11.55 -20.15 -17.03
C TRP A 526 -10.61 -21.22 -17.56
N LYS A 527 -9.67 -20.78 -18.40
CA LYS A 527 -8.65 -21.67 -18.93
C LYS A 527 -7.27 -21.04 -18.78
N LYS A 528 -6.25 -21.86 -18.54
CA LYS A 528 -4.91 -21.35 -18.34
C LYS A 528 -4.12 -21.33 -19.63
N SER A 529 -3.17 -20.40 -19.73
CA SER A 529 -2.25 -20.31 -20.86
C SER A 529 -0.87 -20.04 -20.30
N SER A 530 0.00 -21.06 -20.37
CA SER A 530 1.33 -20.98 -19.76
C SER A 530 2.37 -20.36 -20.67
N ALA A 531 3.13 -19.44 -20.10
CA ALA A 531 4.25 -18.85 -20.78
C ALA A 531 5.44 -19.01 -19.85
N SER A 532 6.37 -19.87 -20.24
CA SER A 532 7.55 -20.08 -19.44
C SER A 532 8.36 -18.78 -19.32
N ILE A 533 8.97 -18.57 -18.16
CA ILE A 533 9.97 -17.53 -17.99
C ILE A 533 11.28 -18.16 -17.47
N PRO A 534 12.41 -17.48 -17.70
CA PRO A 534 13.72 -17.97 -17.22
C PRO A 534 14.07 -17.63 -15.76
N PHE A 535 13.16 -17.91 -14.85
CA PHE A 535 13.41 -17.67 -13.44
C PHE A 535 12.83 -18.82 -12.66
N LYS A 536 13.31 -18.99 -11.44
CA LYS A 536 12.62 -19.85 -10.50
C LYS A 536 12.38 -18.99 -9.26
N ASN A 537 11.20 -19.18 -8.67
CA ASN A 537 10.79 -18.47 -7.46
C ASN A 537 10.88 -16.95 -7.52
N ALA A 538 10.71 -16.41 -8.72
CA ALA A 538 10.61 -14.98 -8.90
C ALA A 538 9.18 -14.53 -8.58
N THR A 539 9.07 -13.31 -8.07
CA THR A 539 7.77 -12.69 -7.89
C THR A 539 7.46 -11.95 -9.19
N ALA A 540 7.00 -12.69 -10.19
CA ALA A 540 6.82 -12.11 -11.52
C ALA A 540 5.51 -11.39 -11.71
N GLU A 541 5.23 -10.43 -10.83
CA GLU A 541 4.03 -9.62 -10.94
C GLU A 541 3.99 -9.00 -12.33
N ALA A 542 2.92 -9.30 -13.06
CA ALA A 542 2.80 -8.97 -14.48
C ALA A 542 1.59 -8.11 -14.79
N GLN A 543 1.73 -7.26 -15.81
CA GLN A 543 0.61 -6.44 -16.29
C GLN A 543 0.64 -6.30 -17.82
N MET A 544 -0.54 -6.36 -18.45
CA MET A 544 -0.65 -6.48 -19.90
C MET A 544 -1.17 -5.21 -20.55
N VAL A 545 -0.67 -4.92 -21.75
CA VAL A 545 -1.30 -3.91 -22.61
C VAL A 545 -1.57 -4.49 -23.99
N GLU A 546 -2.66 -4.05 -24.60
CA GLU A 546 -2.98 -4.46 -25.96
C GLU A 546 -2.47 -3.38 -26.91
N LEU A 547 -1.49 -3.73 -27.74
CA LEU A 547 -0.85 -2.75 -28.63
C LEU A 547 -1.67 -2.53 -29.90
N ARG A 548 -2.42 -3.56 -30.26
CA ARG A 548 -3.41 -3.51 -31.34
C ARG A 548 -4.14 -4.84 -31.26
N ASP A 549 -5.24 -4.97 -31.99
CA ASP A 549 -6.10 -6.17 -31.95
C ASP A 549 -5.40 -7.53 -31.82
N GLY A 550 -5.48 -8.12 -30.62
CA GLY A 550 -4.96 -9.46 -30.39
C GLY A 550 -3.48 -9.52 -30.09
N VAL A 551 -2.84 -8.36 -30.10
CA VAL A 551 -1.43 -8.24 -29.77
C VAL A 551 -1.27 -7.72 -28.34
N ILE A 552 -0.84 -8.62 -27.44
CA ILE A 552 -0.71 -8.28 -26.03
C ILE A 552 0.75 -8.22 -25.60
N ARG A 553 1.17 -7.07 -25.11
CA ARG A 553 2.47 -7.00 -24.46
C ARG A 553 2.30 -7.02 -22.95
N THR A 554 3.01 -7.95 -22.32
CA THR A 554 3.02 -8.02 -20.87
C THR A 554 4.37 -7.55 -20.34
N PHE A 555 4.36 -6.66 -19.35
CA PHE A 555 5.56 -6.28 -18.62
C PHE A 555 5.48 -6.86 -17.23
N PHE A 556 6.52 -7.57 -16.82
CA PHE A 556 6.53 -8.20 -15.49
C PHE A 556 7.84 -8.00 -14.72
N ARG A 557 7.73 -8.12 -13.39
CA ARG A 557 8.84 -7.95 -12.46
C ARG A 557 9.75 -9.18 -12.50
N THR A 558 11.06 -8.96 -12.47
CA THR A 558 12.00 -10.07 -12.48
C THR A 558 12.90 -10.07 -11.26
N THR A 559 14.03 -10.75 -11.40
CA THR A 559 15.05 -10.79 -10.37
C THR A 559 16.35 -10.27 -10.93
N THR A 560 16.26 -9.50 -12.01
CA THR A 560 17.43 -9.14 -12.82
C THR A 560 17.87 -7.69 -12.62
N GLY A 561 17.02 -6.89 -11.98
CA GLY A 561 17.20 -5.45 -11.97
C GLY A 561 16.63 -4.74 -13.19
N LYS A 562 16.18 -5.52 -14.17
CA LYS A 562 15.51 -4.97 -15.35
C LYS A 562 14.06 -5.47 -15.41
N ILE A 563 13.21 -4.66 -16.02
CA ILE A 563 11.85 -5.08 -16.33
C ILE A 563 11.83 -5.98 -17.56
N ALA A 564 11.13 -7.10 -17.47
CA ALA A 564 11.01 -7.99 -18.61
C ALA A 564 9.69 -7.79 -19.33
N TYR A 565 9.60 -8.39 -20.52
CA TYR A 565 8.34 -8.43 -21.25
C TYR A 565 8.28 -9.62 -22.22
N MET A 566 7.07 -9.92 -22.66
CA MET A 566 6.82 -10.95 -23.64
C MET A 566 5.63 -10.51 -24.46
N THR A 567 5.35 -11.21 -25.55
CA THR A 567 4.30 -10.79 -26.47
C THR A 567 3.44 -11.94 -26.98
N SER A 568 2.12 -11.79 -26.88
CA SER A 568 1.19 -12.72 -27.52
C SER A 568 0.63 -12.04 -28.76
N ARG A 569 0.39 -12.81 -29.81
CA ARG A 569 -0.15 -12.26 -31.06
C ARG A 569 -1.42 -13.01 -31.49
N ASP A 570 -1.85 -13.93 -30.64
CA ASP A 570 -3.06 -14.68 -30.90
C ASP A 570 -3.96 -14.57 -29.70
N SER A 571 -4.00 -13.35 -29.14
CA SER A 571 -4.90 -12.98 -28.06
C SER A 571 -4.68 -13.79 -26.78
N GLY A 572 -3.40 -14.04 -26.46
CA GLY A 572 -3.03 -14.70 -25.22
C GLY A 572 -3.07 -16.21 -25.29
N GLU A 573 -3.17 -16.76 -26.51
CA GLU A 573 -3.10 -18.20 -26.70
C GLU A 573 -1.67 -18.72 -26.52
N THR A 574 -0.72 -18.08 -27.19
CA THR A 574 0.70 -18.46 -27.05
C THR A 574 1.59 -17.25 -26.88
N TRP A 575 2.79 -17.46 -26.34
CA TRP A 575 3.66 -16.34 -25.95
C TRP A 575 5.09 -16.36 -26.46
N SER A 576 5.60 -15.17 -26.76
CA SER A 576 6.98 -14.98 -27.21
C SER A 576 8.01 -15.33 -26.14
N LYS A 577 9.27 -15.17 -26.50
CA LYS A 577 10.34 -15.28 -25.52
C LYS A 577 10.45 -13.98 -24.74
N VAL A 578 11.16 -14.05 -23.63
CA VAL A 578 11.27 -12.93 -22.69
C VAL A 578 12.38 -11.97 -23.10
N SER A 579 12.06 -10.68 -23.12
CA SER A 579 13.03 -9.67 -23.47
C SER A 579 13.11 -8.73 -22.27
N TYR A 580 13.95 -7.71 -22.37
CA TYR A 580 14.09 -6.78 -21.27
C TYR A 580 14.20 -5.35 -21.74
N ILE A 581 13.73 -4.45 -20.89
CA ILE A 581 13.81 -3.03 -21.12
C ILE A 581 15.07 -2.44 -20.51
N ASP A 582 15.79 -1.67 -21.31
CA ASP A 582 16.94 -0.91 -20.85
C ASP A 582 16.56 0.57 -20.80
N GLY A 583 16.91 1.23 -19.70
CA GLY A 583 16.52 2.62 -19.49
C GLY A 583 15.71 2.78 -18.22
N ILE A 584 15.25 1.65 -17.71
CA ILE A 584 14.68 1.57 -16.37
C ILE A 584 15.43 0.51 -15.56
N GLN A 585 15.72 0.84 -14.31
CA GLN A 585 16.34 -0.15 -13.45
C GLN A 585 15.42 -0.40 -12.27
N GLN A 586 15.45 -1.64 -11.79
CA GLN A 586 14.85 -1.96 -10.52
C GLN A 586 15.92 -2.59 -9.68
N THR A 587 15.54 -2.95 -8.46
CA THR A 587 16.41 -3.60 -7.51
C THR A 587 16.43 -5.08 -7.84
N SER A 588 17.37 -5.82 -7.28
CA SER A 588 17.44 -7.26 -7.50
C SER A 588 16.11 -7.95 -7.22
N TYR A 589 15.46 -7.58 -6.12
CA TYR A 589 14.18 -8.19 -5.76
C TYR A 589 13.00 -7.57 -6.54
N GLY A 590 13.25 -6.43 -7.18
CA GLY A 590 12.29 -5.80 -8.07
C GLY A 590 11.02 -5.29 -7.41
N THR A 591 10.13 -4.73 -8.23
CA THR A 591 8.89 -4.12 -7.75
C THR A 591 7.80 -4.30 -8.79
N GLN A 592 6.55 -4.32 -8.35
CA GLN A 592 5.41 -4.36 -9.25
C GLN A 592 5.41 -3.19 -10.25
N VAL A 593 4.98 -3.47 -11.48
CA VAL A 593 4.96 -2.47 -12.55
C VAL A 593 3.57 -2.42 -13.12
N SER A 594 3.01 -1.23 -13.26
CA SER A 594 1.70 -1.09 -13.87
C SER A 594 1.85 -0.40 -15.21
N ALA A 595 0.94 -0.72 -16.12
CA ALA A 595 1.03 -0.25 -17.49
C ALA A 595 -0.35 -0.13 -18.11
N ILE A 596 -0.49 0.84 -19.00
CA ILE A 596 -1.72 1.03 -19.73
C ILE A 596 -1.41 1.49 -21.15
N LYS A 597 -2.34 1.17 -22.05
CA LYS A 597 -2.28 1.64 -23.43
C LYS A 597 -3.06 2.94 -23.47
N TYR A 598 -2.35 4.03 -23.71
CA TYR A 598 -3.01 5.33 -23.81
C TYR A 598 -3.92 5.39 -25.05
N SER A 599 -5.00 6.15 -24.97
CA SER A 599 -5.96 6.23 -26.06
C SER A 599 -5.61 7.30 -27.12
N GLN A 600 -5.01 8.41 -26.70
CA GLN A 600 -4.66 9.46 -27.65
C GLN A 600 -3.26 9.22 -28.17
N LEU A 601 -3.00 9.70 -29.38
CA LEU A 601 -1.68 9.59 -29.97
C LEU A 601 -0.78 10.64 -29.35
N ILE A 602 0.51 10.36 -29.36
CA ILE A 602 1.51 11.21 -28.77
C ILE A 602 2.66 11.25 -29.74
N ASP A 603 3.03 12.45 -30.17
CA ASP A 603 3.95 12.62 -31.29
C ASP A 603 3.54 11.76 -32.48
N GLY A 604 2.24 11.71 -32.75
CA GLY A 604 1.71 10.96 -33.88
C GLY A 604 1.62 9.45 -33.70
N LYS A 605 2.07 8.95 -32.55
CA LYS A 605 2.18 7.50 -32.36
C LYS A 605 1.25 6.91 -31.32
N GLU A 606 0.99 5.61 -31.43
CA GLU A 606 0.32 4.86 -30.37
C GLU A 606 1.25 4.93 -29.19
N ALA A 607 0.69 5.05 -28.00
CA ALA A 607 1.51 5.22 -26.82
C ALA A 607 1.12 4.35 -25.64
N VAL A 608 2.15 3.79 -25.02
CA VAL A 608 2.01 2.99 -23.83
C VAL A 608 2.71 3.69 -22.67
N ILE A 609 2.04 3.75 -21.53
CA ILE A 609 2.59 4.40 -20.34
C ILE A 609 2.92 3.35 -19.28
N LEU A 610 4.01 3.60 -18.56
CA LEU A 610 4.54 2.64 -17.61
C LEU A 610 4.81 3.30 -16.25
N SER A 611 4.37 2.64 -15.18
CA SER A 611 4.60 3.15 -13.81
C SER A 611 5.48 2.21 -12.96
N THR A 612 6.58 2.75 -12.45
CA THR A 612 7.58 1.92 -11.80
C THR A 612 8.55 2.80 -11.01
N PRO A 613 9.09 2.27 -9.91
CA PRO A 613 10.30 2.87 -9.33
C PRO A 613 11.45 2.73 -10.32
N ASN A 614 12.24 3.77 -10.53
CA ASN A 614 13.45 3.66 -11.34
C ASN A 614 14.68 3.79 -10.44
N SER A 615 15.11 2.67 -9.85
CA SER A 615 16.24 2.67 -8.93
C SER A 615 16.81 1.26 -8.72
N ARG A 616 18.09 1.18 -8.43
CA ARG A 616 18.65 -0.11 -8.06
C ARG A 616 19.00 -0.17 -6.57
N SER A 617 18.80 0.91 -5.83
CA SER A 617 19.02 0.92 -4.38
C SER A 617 17.82 0.44 -3.60
N GLY A 618 16.65 0.93 -3.98
CA GLY A 618 15.46 0.54 -3.28
C GLY A 618 14.22 0.97 -4.01
N ARG A 619 13.10 0.96 -3.30
CA ARG A 619 11.82 1.33 -3.88
C ARG A 619 11.58 2.84 -3.74
N LYS A 620 12.32 3.60 -4.56
CA LYS A 620 12.21 5.04 -4.62
C LYS A 620 12.38 5.49 -6.08
N GLY A 621 12.44 6.78 -6.32
CA GLY A 621 12.64 7.29 -7.67
C GLY A 621 11.54 6.87 -8.64
N GLY A 622 10.30 6.96 -8.17
CA GLY A 622 9.15 6.64 -9.00
C GLY A 622 9.07 7.39 -10.29
N GLN A 623 8.60 6.69 -11.33
CA GLN A 623 8.49 7.29 -12.64
C GLN A 623 7.28 6.79 -13.43
N LEU A 624 6.84 7.63 -14.34
CA LEU A 624 5.90 7.26 -15.36
C LEU A 624 6.70 7.34 -16.63
N VAL A 625 6.75 6.27 -17.39
CA VAL A 625 7.60 6.26 -18.58
C VAL A 625 6.77 6.10 -19.86
N VAL A 626 6.95 7.03 -20.78
CA VAL A 626 6.14 7.07 -21.98
C VAL A 626 6.84 6.42 -23.15
N GLY A 627 6.17 5.45 -23.77
CA GLY A 627 6.69 4.75 -24.92
C GLY A 627 5.76 4.86 -26.11
N LEU A 628 6.35 5.17 -27.26
CA LEU A 628 5.64 5.21 -28.52
C LEU A 628 5.88 3.90 -29.24
N VAL A 629 4.82 3.32 -29.78
CA VAL A 629 4.93 2.04 -30.47
C VAL A 629 5.33 2.21 -31.94
N ASN A 630 6.17 1.31 -32.42
CA ASN A 630 6.61 1.30 -33.82
C ASN A 630 5.78 0.30 -34.62
N LYS A 631 4.75 0.80 -35.31
CA LYS A 631 3.79 -0.06 -36.03
C LYS A 631 4.44 -1.11 -36.95
N GLU A 632 5.63 -0.79 -37.47
CA GLU A 632 6.38 -1.73 -38.30
C GLU A 632 6.66 -3.05 -37.57
N ASP A 633 7.17 -2.96 -36.35
CA ASP A 633 7.62 -4.16 -35.65
C ASP A 633 7.02 -4.37 -34.26
N ASP A 634 6.19 -3.42 -33.82
CA ASP A 634 5.64 -3.40 -32.46
C ASP A 634 6.71 -3.21 -31.37
N SER A 635 7.81 -2.56 -31.72
CA SER A 635 8.79 -2.19 -30.71
C SER A 635 8.37 -0.88 -30.05
N ILE A 636 8.91 -0.62 -28.87
CA ILE A 636 8.57 0.58 -28.13
C ILE A 636 9.80 1.47 -27.94
N ASP A 637 9.65 2.74 -28.28
CA ASP A 637 10.68 3.73 -28.04
C ASP A 637 10.20 4.43 -26.80
N TRP A 638 10.94 4.28 -25.70
CA TRP A 638 10.56 4.94 -24.46
C TRP A 638 11.12 6.34 -24.41
N LYS A 639 10.31 7.30 -24.83
CA LYS A 639 10.77 8.65 -25.10
C LYS A 639 10.78 9.58 -23.87
N TYR A 640 9.78 9.47 -23.01
CA TYR A 640 9.67 10.38 -21.87
C TYR A 640 9.68 9.67 -20.52
N HIS A 641 10.43 10.23 -19.57
CA HIS A 641 10.42 9.77 -18.18
C HIS A 641 9.87 10.89 -17.31
N TYR A 642 8.78 10.65 -16.58
CA TYR A 642 8.30 11.64 -15.64
C TYR A 642 8.70 11.31 -14.20
N ASP A 643 9.41 12.23 -13.58
CA ASP A 643 9.79 12.11 -12.18
C ASP A 643 8.57 12.38 -11.29
N ILE A 644 7.98 11.33 -10.73
CA ILE A 644 6.85 11.51 -9.82
C ILE A 644 7.21 12.41 -8.63
N ASP A 645 8.39 12.19 -8.08
CA ASP A 645 8.89 13.01 -6.99
C ASP A 645 10.41 12.92 -7.02
N LEU A 646 11.10 13.24 -5.94
CA LEU A 646 12.57 13.10 -5.93
C LEU A 646 13.05 11.65 -6.15
N PRO A 647 14.22 11.48 -6.77
CA PRO A 647 14.78 10.13 -6.92
C PRO A 647 15.00 9.43 -5.57
N SER A 648 15.10 10.19 -4.49
CA SER A 648 15.37 9.60 -3.19
C SER A 648 14.13 9.35 -2.33
N TYR A 649 12.97 9.78 -2.81
CA TYR A 649 11.72 9.58 -2.09
C TYR A 649 11.01 8.31 -2.54
N GLY A 650 10.45 7.59 -1.57
CA GLY A 650 9.80 6.31 -1.81
C GLY A 650 8.70 6.24 -2.86
N TYR A 651 8.73 5.14 -3.60
CA TYR A 651 7.73 4.84 -4.62
C TYR A 651 7.74 3.34 -4.83
N ALA A 652 6.64 2.66 -4.54
CA ALA A 652 6.61 1.21 -4.66
C ALA A 652 5.53 0.70 -5.61
N TYR A 653 4.61 -0.12 -5.09
CA TYR A 653 3.57 -0.67 -5.95
C TYR A 653 2.72 0.49 -6.46
N SER A 654 2.18 0.36 -7.68
CA SER A 654 1.41 1.46 -8.25
C SER A 654 0.25 1.05 -9.13
N ALA A 655 -0.66 1.99 -9.33
CA ALA A 655 -1.79 1.84 -10.23
C ALA A 655 -1.86 3.09 -11.06
N ILE A 656 -1.91 2.94 -12.38
CA ILE A 656 -2.25 4.05 -13.28
C ILE A 656 -3.56 3.75 -14.01
N THR A 657 -4.24 4.79 -14.48
CA THR A 657 -5.45 4.65 -15.30
C THR A 657 -5.66 5.89 -16.15
N GLU A 658 -6.23 5.71 -17.34
CA GLU A 658 -6.69 6.86 -18.10
C GLU A 658 -8.03 7.27 -17.56
N LEU A 659 -8.07 8.46 -16.96
CA LEU A 659 -9.31 9.03 -16.46
C LEU A 659 -10.17 9.48 -17.64
N PRO A 660 -11.49 9.53 -17.45
CA PRO A 660 -12.41 9.83 -18.56
C PRO A 660 -12.13 11.16 -19.28
N ASN A 661 -11.34 12.03 -18.67
CA ASN A 661 -10.98 13.31 -19.27
C ASN A 661 -9.57 13.29 -19.85
N HIS A 662 -9.04 12.09 -20.06
CA HIS A 662 -7.68 11.87 -20.58
C HIS A 662 -6.53 12.30 -19.68
N HIS A 663 -6.83 12.62 -18.42
CA HIS A 663 -5.78 12.80 -17.46
C HIS A 663 -5.41 11.41 -17.02
N ILE A 664 -4.30 11.33 -16.30
CA ILE A 664 -3.79 10.06 -15.81
C ILE A 664 -3.96 10.02 -14.31
N GLY A 665 -4.70 9.03 -13.82
CA GLY A 665 -4.86 8.87 -12.39
C GLY A 665 -3.79 7.93 -11.88
N VAL A 666 -3.14 8.29 -10.77
CA VAL A 666 -2.08 7.47 -10.21
C VAL A 666 -2.25 7.25 -8.72
N LEU A 667 -2.35 5.99 -8.31
CA LEU A 667 -2.49 5.64 -6.91
C LEU A 667 -1.34 4.70 -6.55
N PHE A 668 -0.49 5.10 -5.62
CA PHE A 668 0.76 4.39 -5.40
C PHE A 668 1.19 4.42 -3.95
N GLU A 669 2.04 3.47 -3.60
CA GLU A 669 2.71 3.43 -2.31
C GLU A 669 3.79 4.50 -2.29
N LYS A 670 3.57 5.59 -1.55
CA LYS A 670 4.58 6.62 -1.50
C LYS A 670 5.59 6.33 -0.40
N TYR A 671 6.22 5.16 -0.49
CA TYR A 671 7.20 4.73 0.50
C TYR A 671 7.86 3.43 0.05
N ASP A 672 8.94 3.07 0.72
CA ASP A 672 9.67 1.86 0.39
C ASP A 672 9.05 0.63 1.08
N SER A 673 8.12 0.00 0.39
CA SER A 673 7.38 -1.12 0.95
C SER A 673 8.21 -2.40 1.06
N TRP A 674 9.49 -2.29 0.70
CA TRP A 674 10.46 -3.37 0.92
C TRP A 674 11.30 -3.11 2.16
N SER A 675 11.64 -1.84 2.37
CA SER A 675 12.54 -1.43 3.44
C SER A 675 12.05 -1.81 4.82
N ARG A 676 12.89 -2.52 5.56
CA ARG A 676 12.58 -2.95 6.90
C ARG A 676 12.44 -1.76 7.83
N ASN A 677 13.02 -0.62 7.44
CA ASN A 677 12.91 0.57 8.26
C ASN A 677 11.61 1.33 8.02
N GLU A 678 10.93 1.04 6.92
CA GLU A 678 9.72 1.80 6.59
C GLU A 678 8.41 1.03 6.75
N LEU A 679 8.43 -0.04 7.54
CA LEU A 679 7.22 -0.78 7.89
C LEU A 679 6.16 0.04 8.64
N HIS A 680 4.89 -0.34 8.44
CA HIS A 680 3.77 0.14 9.24
C HIS A 680 3.54 1.65 9.27
N LEU A 681 3.63 2.32 8.13
CA LEU A 681 3.26 3.74 8.05
C LEU A 681 1.78 3.92 7.66
N SER A 682 1.15 4.96 8.18
CA SER A 682 -0.23 5.26 7.81
C SER A 682 -0.31 6.27 6.67
N ASN A 683 -1.28 6.09 5.79
CA ASN A 683 -1.57 7.07 4.75
C ASN A 683 -0.34 7.38 3.92
N VAL A 684 0.31 6.34 3.40
CA VAL A 684 1.46 6.51 2.52
C VAL A 684 1.11 6.11 1.10
N VAL A 685 0.07 5.29 0.98
CA VAL A 685 -0.61 5.08 -0.31
C VAL A 685 -1.39 6.33 -0.69
N GLN A 686 -0.99 7.00 -1.76
CA GLN A 686 -1.57 8.29 -2.15
C GLN A 686 -2.01 8.33 -3.63
N TYR A 687 -2.95 9.23 -3.97
CA TYR A 687 -3.46 9.39 -5.35
C TYR A 687 -3.18 10.77 -5.93
N ILE A 688 -2.74 10.82 -7.19
CA ILE A 688 -2.59 12.11 -7.89
C ILE A 688 -3.20 12.15 -9.30
N ASP A 689 -3.38 13.37 -9.81
CA ASP A 689 -3.93 13.62 -11.14
C ASP A 689 -2.83 14.27 -11.98
N LEU A 690 -2.52 13.64 -13.11
CA LEU A 690 -1.51 14.17 -14.02
C LEU A 690 -2.14 14.34 -15.38
N GLU A 691 -1.52 15.21 -16.19
CA GLU A 691 -1.90 15.38 -17.58
C GLU A 691 -0.75 14.95 -18.48
N ILE A 692 -1.08 14.54 -19.70
CA ILE A 692 -0.08 14.04 -20.63
C ILE A 692 1.09 15.00 -20.80
N ASN A 693 0.78 16.29 -20.90
CA ASN A 693 1.80 17.31 -21.13
C ASN A 693 2.71 17.45 -19.92
N ASP A 694 2.21 17.06 -18.75
CA ASP A 694 3.02 17.03 -17.54
C ASP A 694 4.17 16.04 -17.72
N LEU A 695 3.90 14.94 -18.42
CA LEU A 695 4.90 13.89 -18.68
C LEU A 695 5.90 14.28 -19.77
N THR A 696 5.44 14.97 -20.81
CA THR A 696 6.29 15.39 -21.92
C THR A 696 6.85 16.80 -21.73
CAF IJ2 B . 1.45 -12.80 -2.97
CAD IJ2 B . 0.75 -13.66 -2.04
CAE IJ2 B . 1.37 -13.43 -0.81
OAK IJ2 B . 2.33 -12.55 -0.98
CAL IJ2 B . 2.43 -12.14 -2.21
CAI IJ2 B . 3.40 -11.14 -2.72
NAJ IJ2 B . 4.46 -10.79 -1.80
CAG IJ2 B . 4.75 -9.40 -1.89
CAH IJ2 B . 6.04 -8.99 -1.27
SAM IJ2 B . 6.59 -7.34 -1.61
OAC IJ2 B . 6.97 -6.66 -0.37
OAB IJ2 B . 5.45 -6.62 -2.20
OAA IJ2 B . 7.69 -7.41 -2.57
#